data_6X44
#
_entry.id   6X44
#
_cell.length_a   77.665
_cell.length_b   78.937
_cell.length_c   178.712
_cell.angle_alpha   90.000
_cell.angle_beta   90.000
_cell.angle_gamma   90.000
#
_symmetry.space_group_name_H-M   'P 2 2 21'
#
loop_
_entity.id
_entity.type
_entity.pdbx_description
1 polymer 'Serine repeat antigen 5'
2 non-polymer DI(HYDROXYETHYL)ETHER
3 water water
#
_entity_poly.entity_id   1
_entity_poly.type   'polypeptide(L)'
_entity_poly.pdbx_seq_one_letter_code
;TEDDDEDDYTEYKLTESIDNILVKMFKTNENNDKSELIKLEEVDDSLKLELMNYCSLLKDVDTTGTLDNYGMGNEMDIFN
NLKRLLIYHSEENINTLKNKFRNAAVCLKNVDDWIVNKRGLVLPELNYDLEYFNEHLYNDKNSPEDKDNKGKGVVHVDTT
LEKEDTLSYDNSDNMFCNKEYCNRLKDENNCISNLQVEDQGNCDTSWIFASKYHLETIRCMKGYEPTKISALYVANCYKG
EHKDRCDEGSSPMEFLQIIEDYGFLPAESNYPYNYVKVGEQCPKVEDHWMNLWDNGKILHNKNEPNSLDGKGYTAYESER
FHDNMDAFVKIIKTEVMNKGSVIAYIKAENVMGYEFSGKKVQNLCGDDTADHAVNIVGYGNYVNSEGEKKSYWIVRNSWG
PYWGDEGYFKVDMYGPTHCHFNFIHSVVIFNVDLPMNN
;
_entity_poly.pdbx_strand_id   A,B
#
# COMPACT_ATOMS: atom_id res chain seq x y z
N ASP A 3 -29.52 -32.90 -24.56
CA ASP A 3 -29.51 -32.88 -23.10
C ASP A 3 -28.18 -33.41 -22.57
N ASP A 4 -28.01 -33.38 -21.24
CA ASP A 4 -26.83 -33.96 -20.60
C ASP A 4 -26.62 -35.43 -20.97
N ASP A 5 -27.63 -36.08 -21.56
CA ASP A 5 -27.52 -37.46 -22.00
C ASP A 5 -26.47 -37.62 -23.09
N GLU A 6 -26.70 -37.00 -24.27
CA GLU A 6 -25.74 -37.15 -25.36
C GLU A 6 -24.36 -36.66 -24.96
N ASP A 7 -24.25 -35.72 -24.02
CA ASP A 7 -22.95 -35.42 -23.45
C ASP A 7 -22.27 -36.71 -23.02
N ASP A 8 -22.99 -37.57 -22.29
CA ASP A 8 -22.39 -38.79 -21.75
C ASP A 8 -22.31 -39.92 -22.78
N TYR A 9 -23.22 -39.95 -23.77
CA TYR A 9 -23.08 -40.94 -24.84
C TYR A 9 -21.81 -40.71 -25.63
N THR A 10 -21.56 -39.47 -26.07
CA THR A 10 -20.36 -39.21 -26.85
C THR A 10 -19.11 -39.49 -26.03
N GLU A 11 -19.10 -39.12 -24.75
CA GLU A 11 -17.94 -39.42 -23.92
C GLU A 11 -17.73 -40.92 -23.79
N TYR A 12 -18.82 -41.69 -23.70
CA TYR A 12 -18.67 -43.13 -23.64
C TYR A 12 -18.04 -43.67 -24.91
N LYS A 13 -18.55 -43.25 -26.07
CA LYS A 13 -17.99 -43.69 -27.35
C LYS A 13 -16.50 -43.35 -27.44
N LEU A 14 -16.10 -42.18 -26.90
CA LEU A 14 -14.68 -41.82 -26.90
C LEU A 14 -13.85 -42.77 -26.04
N THR A 15 -14.35 -43.11 -24.86
CA THR A 15 -13.62 -44.02 -24.01
C THR A 15 -13.49 -45.39 -24.67
N GLU A 16 -14.58 -45.87 -25.28
CA GLU A 16 -14.56 -47.11 -26.06
C GLU A 16 -13.51 -47.02 -27.16
N SER A 17 -13.55 -45.96 -27.96
CA SER A 17 -12.58 -45.79 -29.04
C SER A 17 -11.15 -45.79 -28.49
N ILE A 18 -10.91 -45.11 -27.37
CA ILE A 18 -9.58 -45.06 -26.80
C ILE A 18 -9.11 -46.44 -26.36
N ASP A 19 -10.02 -47.22 -25.76
CA ASP A 19 -9.65 -48.57 -25.29
C ASP A 19 -9.37 -49.51 -26.45
N ASN A 20 -10.14 -49.44 -27.54
CA ASN A 20 -9.84 -50.26 -28.72
C ASN A 20 -8.44 -49.97 -29.23
N ILE A 21 -8.09 -48.68 -29.36
CA ILE A 21 -6.81 -48.29 -29.92
C ILE A 21 -5.66 -48.83 -29.09
N LEU A 22 -5.74 -48.65 -27.76
CA LEU A 22 -4.66 -49.10 -26.90
C LEU A 22 -4.40 -50.59 -27.06
N VAL A 23 -5.45 -51.37 -27.27
CA VAL A 23 -5.31 -52.81 -27.48
C VAL A 23 -4.52 -53.08 -28.75
N LYS A 24 -4.82 -52.35 -29.82
CA LYS A 24 -4.14 -52.55 -31.09
C LYS A 24 -2.76 -51.91 -31.13
N MET A 25 -2.44 -51.00 -30.20
CA MET A 25 -1.13 -50.37 -30.23
C MET A 25 -0.05 -51.25 -29.64
N PHE A 26 -0.42 -52.35 -29.00
CA PHE A 26 0.53 -53.27 -28.39
C PHE A 26 0.35 -54.68 -28.94
N LYS A 27 1.47 -55.40 -29.01
CA LYS A 27 1.51 -56.80 -29.40
C LYS A 27 2.04 -57.55 -28.18
N SER A 35 4.08 -56.46 -22.84
CA SER A 35 3.56 -55.83 -24.06
C SER A 35 4.59 -54.89 -24.68
N GLU A 36 4.73 -54.94 -26.00
CA GLU A 36 5.63 -54.07 -26.76
C GLU A 36 4.85 -53.32 -27.84
N LEU A 37 5.12 -52.02 -27.99
CA LEU A 37 4.46 -51.19 -29.00
C LEU A 37 4.69 -51.76 -30.41
N ILE A 38 3.71 -51.55 -31.29
CA ILE A 38 3.82 -51.99 -32.66
C ILE A 38 4.57 -50.94 -33.47
N LYS A 39 5.40 -51.42 -34.40
CA LYS A 39 6.04 -50.57 -35.38
C LYS A 39 5.01 -50.03 -36.36
N LEU A 40 5.37 -48.92 -37.02
CA LEU A 40 4.43 -48.23 -37.89
C LEU A 40 3.99 -49.09 -39.07
N GLU A 41 4.85 -49.98 -39.57
CA GLU A 41 4.46 -50.83 -40.68
C GLU A 41 3.54 -51.95 -40.24
N GLU A 42 3.55 -52.30 -38.94
CA GLU A 42 2.56 -53.22 -38.38
C GLU A 42 1.15 -52.64 -38.31
N VAL A 43 0.90 -51.47 -38.90
CA VAL A 43 -0.38 -50.80 -38.75
C VAL A 43 -1.34 -51.30 -39.83
N ASP A 44 -2.33 -52.10 -39.43
CA ASP A 44 -3.31 -52.63 -40.37
C ASP A 44 -4.48 -51.66 -40.52
N ASP A 45 -5.41 -52.00 -41.40
CA ASP A 45 -6.47 -51.07 -41.80
C ASP A 45 -7.57 -50.93 -40.76
N SER A 46 -7.69 -51.88 -39.82
CA SER A 46 -8.65 -51.75 -38.74
C SER A 46 -8.21 -50.74 -37.69
N LEU A 47 -6.89 -50.67 -37.42
CA LEU A 47 -6.37 -49.57 -36.64
C LEU A 47 -6.59 -48.24 -37.37
N LYS A 48 -6.18 -48.16 -38.64
CA LYS A 48 -6.30 -46.94 -39.41
C LYS A 48 -7.73 -46.39 -39.37
N LEU A 49 -8.73 -47.27 -39.38
CA LEU A 49 -10.09 -46.78 -39.32
C LEU A 49 -10.46 -46.33 -37.91
N GLU A 50 -10.02 -47.07 -36.90
CA GLU A 50 -10.35 -46.71 -35.53
C GLU A 50 -9.66 -45.41 -35.12
N LEU A 51 -8.43 -45.19 -35.59
CA LEU A 51 -7.75 -43.92 -35.39
C LEU A 51 -8.53 -42.79 -36.01
N MET A 52 -8.90 -42.93 -37.28
CA MET A 52 -9.59 -41.86 -37.95
C MET A 52 -10.95 -41.61 -37.31
N ASN A 53 -11.63 -42.66 -36.88
CA ASN A 53 -12.92 -42.44 -36.25
C ASN A 53 -12.77 -41.81 -34.87
N TYR A 54 -11.72 -42.18 -34.15
CA TYR A 54 -11.43 -41.51 -32.89
C TYR A 54 -11.33 -39.99 -33.08
N CYS A 55 -10.51 -39.57 -34.04
CA CYS A 55 -10.31 -38.15 -34.26
C CYS A 55 -11.57 -37.50 -34.80
N SER A 56 -12.39 -38.25 -35.52
CA SER A 56 -13.65 -37.70 -36.00
C SER A 56 -14.60 -37.45 -34.86
N LEU A 57 -14.61 -38.35 -33.87
CA LEU A 57 -15.31 -38.09 -32.62
C LEU A 57 -14.81 -36.82 -31.98
N LEU A 58 -13.57 -36.85 -31.46
CA LEU A 58 -12.96 -35.72 -30.76
C LEU A 58 -13.25 -34.40 -31.43
N LYS A 59 -13.24 -34.36 -32.76
CA LYS A 59 -13.53 -33.11 -33.44
C LYS A 59 -14.99 -32.66 -33.26
N ASP A 60 -15.96 -33.57 -33.45
CA ASP A 60 -17.37 -33.18 -33.30
C ASP A 60 -17.67 -32.69 -31.88
N VAL A 61 -16.85 -33.07 -30.90
CA VAL A 61 -17.13 -32.83 -29.51
C VAL A 61 -16.21 -31.78 -28.86
N ASP A 62 -14.98 -31.59 -29.36
CA ASP A 62 -13.99 -30.80 -28.61
CA ASP A 62 -13.97 -30.80 -28.65
C ASP A 62 -14.42 -29.35 -28.55
N THR A 63 -14.35 -28.79 -27.36
CA THR A 63 -14.72 -27.41 -27.09
C THR A 63 -13.55 -26.46 -27.00
N THR A 64 -12.33 -26.92 -27.26
CA THR A 64 -11.15 -26.11 -27.00
C THR A 64 -10.64 -25.38 -28.23
N GLY A 65 -11.26 -25.57 -29.38
CA GLY A 65 -10.80 -25.00 -30.63
C GLY A 65 -9.54 -25.61 -31.23
N THR A 66 -9.00 -26.67 -30.63
CA THR A 66 -7.79 -27.28 -31.18
C THR A 66 -7.99 -27.76 -32.62
N LEU A 67 -9.09 -28.46 -32.88
CA LEU A 67 -9.31 -29.07 -34.20
C LEU A 67 -10.19 -28.23 -35.10
N ASP A 68 -10.87 -27.22 -34.55
CA ASP A 68 -11.49 -26.20 -35.38
C ASP A 68 -10.46 -25.54 -36.27
N ASN A 69 -9.25 -25.37 -35.75
CA ASN A 69 -8.36 -24.36 -36.28
C ASN A 69 -7.16 -24.90 -37.04
N TYR A 70 -6.75 -26.15 -36.81
CA TYR A 70 -5.53 -26.68 -37.40
C TYR A 70 -5.80 -27.98 -38.14
N GLY A 71 -4.90 -28.29 -39.07
CA GLY A 71 -5.03 -29.48 -39.88
C GLY A 71 -5.02 -30.74 -39.05
N MET A 72 -5.99 -31.60 -39.34
CA MET A 72 -6.05 -32.94 -38.78
C MET A 72 -5.04 -33.82 -39.48
N GLY A 73 -4.37 -34.63 -38.70
CA GLY A 73 -3.52 -35.65 -39.28
C GLY A 73 -4.32 -36.71 -40.03
N ASN A 74 -3.61 -37.42 -40.89
CA ASN A 74 -4.11 -38.70 -41.40
C ASN A 74 -3.76 -39.79 -40.38
N GLU A 75 -4.06 -41.03 -40.77
CA GLU A 75 -3.99 -42.16 -39.83
C GLU A 75 -2.58 -42.36 -39.31
N MET A 76 -1.56 -42.10 -40.13
CA MET A 76 -0.18 -42.31 -39.71
C MET A 76 0.31 -41.18 -38.80
N ASP A 77 -0.12 -39.94 -39.06
CA ASP A 77 0.14 -38.85 -38.11
C ASP A 77 -0.45 -39.15 -36.75
N ILE A 78 -1.73 -39.54 -36.71
CA ILE A 78 -2.37 -39.87 -35.44
C ILE A 78 -1.63 -41.00 -34.76
N PHE A 79 -1.26 -42.03 -35.53
CA PHE A 79 -0.51 -43.15 -34.95
C PHE A 79 0.79 -42.67 -34.33
N ASN A 80 1.57 -41.88 -35.05
CA ASN A 80 2.82 -41.39 -34.46
C ASN A 80 2.58 -40.51 -33.24
N ASN A 81 1.58 -39.63 -33.31
CA ASN A 81 1.28 -38.78 -32.16
C ASN A 81 1.02 -39.64 -30.93
N LEU A 82 0.24 -40.72 -31.09
CA LEU A 82 -0.12 -41.56 -29.95
C LEU A 82 1.04 -42.44 -29.51
N LYS A 83 1.80 -42.95 -30.47
CA LYS A 83 3.01 -43.69 -30.14
C LYS A 83 3.96 -42.85 -29.28
N ARG A 84 4.15 -41.58 -29.63
CA ARG A 84 5.07 -40.74 -28.87
C ARG A 84 4.53 -40.48 -27.46
N LEU A 85 3.23 -40.32 -27.34
CA LEU A 85 2.64 -40.14 -26.02
C LEU A 85 2.84 -41.38 -25.14
N LEU A 86 2.64 -42.57 -25.71
CA LEU A 86 2.82 -43.80 -24.94
C LEU A 86 4.28 -43.97 -24.51
N ILE A 87 5.22 -43.70 -25.41
CA ILE A 87 6.64 -43.76 -25.04
C ILE A 87 6.94 -42.80 -23.88
N TYR A 88 6.51 -41.54 -24.00
CA TYR A 88 6.78 -40.52 -22.96
C TYR A 88 6.09 -40.83 -21.63
N HIS A 89 5.23 -41.85 -21.59
CA HIS A 89 4.45 -42.18 -20.41
C HIS A 89 4.36 -43.70 -20.26
N SER A 90 5.45 -44.40 -20.57
CA SER A 90 5.45 -45.85 -20.52
C SER A 90 5.18 -46.39 -19.11
N GLU A 91 5.39 -45.56 -18.06
CA GLU A 91 5.14 -45.96 -16.67
C GLU A 91 3.69 -45.75 -16.27
N GLU A 92 3.06 -44.68 -16.73
CA GLU A 92 1.72 -44.33 -16.29
C GLU A 92 0.83 -45.56 -16.28
N ASN A 93 -0.05 -45.64 -15.29
CA ASN A 93 -1.02 -46.72 -15.30
C ASN A 93 -1.81 -46.69 -16.61
N ILE A 94 -2.60 -47.73 -16.82
CA ILE A 94 -3.47 -47.75 -17.98
C ILE A 94 -4.40 -46.55 -17.96
N ASN A 95 -4.82 -46.11 -16.77
CA ASN A 95 -5.78 -45.02 -16.69
C ASN A 95 -5.14 -43.66 -16.94
N THR A 96 -3.90 -43.44 -16.47
CA THR A 96 -3.22 -42.19 -16.76
C THR A 96 -3.02 -42.00 -18.25
N LEU A 97 -2.83 -43.08 -19.00
CA LEU A 97 -2.68 -43.00 -20.45
C LEU A 97 -4.02 -42.80 -21.14
N LYS A 98 -5.05 -43.57 -20.76
CA LYS A 98 -6.37 -43.32 -21.31
C LYS A 98 -6.78 -41.87 -21.11
N ASN A 99 -6.14 -41.18 -20.19
CA ASN A 99 -6.50 -39.81 -19.91
C ASN A 99 -5.92 -38.86 -20.95
N LYS A 100 -4.63 -39.02 -21.27
CA LYS A 100 -3.99 -38.11 -22.21
C LYS A 100 -4.56 -38.28 -23.62
N PHE A 101 -5.09 -39.45 -23.95
CA PHE A 101 -5.67 -39.62 -25.27
C PHE A 101 -6.81 -38.65 -25.53
N ARG A 102 -7.39 -38.04 -24.49
CA ARG A 102 -8.50 -37.11 -24.68
C ARG A 102 -8.05 -35.69 -24.96
N ASN A 103 -6.75 -35.41 -25.00
CA ASN A 103 -6.27 -34.15 -25.56
C ASN A 103 -6.39 -34.20 -27.07
N ALA A 104 -7.27 -33.37 -27.62
CA ALA A 104 -7.49 -33.32 -29.07
C ALA A 104 -6.23 -33.03 -29.85
N ALA A 105 -5.21 -32.46 -29.21
CA ALA A 105 -3.96 -32.25 -29.89
C ALA A 105 -3.45 -33.52 -30.58
N VAL A 106 -3.83 -34.71 -30.09
CA VAL A 106 -3.30 -35.95 -30.68
C VAL A 106 -3.82 -36.17 -32.09
N CYS A 107 -4.87 -35.48 -32.51
CA CYS A 107 -5.36 -35.59 -33.88
C CYS A 107 -4.72 -34.60 -34.83
N LEU A 108 -3.80 -33.76 -34.34
CA LEU A 108 -3.22 -32.71 -35.17
C LEU A 108 -2.19 -33.29 -36.14
N LYS A 109 -2.20 -32.81 -37.37
CA LYS A 109 -1.09 -33.15 -38.25
C LYS A 109 0.23 -32.70 -37.64
N ASN A 110 0.28 -31.50 -37.09
CA ASN A 110 1.46 -31.01 -36.40
C ASN A 110 1.06 -30.59 -34.99
N VAL A 111 1.43 -31.42 -34.00
CA VAL A 111 1.01 -31.21 -32.63
C VAL A 111 1.55 -29.92 -32.07
N ASP A 112 2.62 -29.39 -32.67
CA ASP A 112 3.14 -28.09 -32.24
C ASP A 112 2.11 -26.98 -32.45
N ASP A 113 1.20 -27.15 -33.41
CA ASP A 113 0.11 -26.20 -33.60
C ASP A 113 -0.65 -25.96 -32.29
N TRP A 114 -0.71 -26.96 -31.42
CA TRP A 114 -1.60 -26.90 -30.26
C TRP A 114 -1.35 -25.65 -29.42
N ILE A 115 -0.08 -25.23 -29.25
CA ILE A 115 0.20 -24.14 -28.32
C ILE A 115 0.47 -22.81 -29.00
N VAL A 116 0.43 -22.76 -30.35
CA VAL A 116 0.74 -21.54 -31.05
C VAL A 116 -0.07 -20.37 -30.48
N ASN A 117 -1.33 -20.61 -30.19
CA ASN A 117 -2.24 -19.56 -29.73
C ASN A 117 -2.87 -19.95 -28.41
N LYS A 118 -2.08 -20.61 -27.56
CA LYS A 118 -2.52 -21.12 -26.25
C LYS A 118 -1.58 -20.61 -25.17
N ARG A 119 -1.07 -19.40 -25.34
CA ARG A 119 -0.19 -18.78 -24.38
C ARG A 119 -0.89 -17.54 -23.83
N GLY A 120 -0.25 -16.37 -23.86
CA GLY A 120 -0.95 -15.18 -23.47
C GLY A 120 -0.29 -14.16 -22.56
N LEU A 121 1.01 -14.30 -22.26
CA LEU A 121 1.71 -13.29 -21.50
C LEU A 121 2.43 -12.37 -22.48
N VAL A 122 2.19 -11.07 -22.34
CA VAL A 122 2.91 -10.03 -23.07
C VAL A 122 3.51 -9.10 -22.01
N LEU A 123 4.83 -9.13 -21.86
CA LEU A 123 5.51 -8.35 -20.81
C LEU A 123 5.39 -6.85 -21.07
N PRO A 124 5.00 -6.05 -20.09
CA PRO A 124 4.95 -4.58 -20.30
C PRO A 124 6.26 -3.87 -19.98
N GLU A 125 6.25 -2.54 -20.13
CA GLU A 125 7.43 -1.66 -20.02
C GLU A 125 8.22 -1.72 -21.32
N ASN A 171 -6.18 -23.98 9.90
CA ASN A 171 -5.19 -24.50 10.84
C ASN A 171 -4.54 -25.75 10.26
N SER A 172 -5.34 -26.80 10.09
CA SER A 172 -4.86 -28.08 9.54
C SER A 172 -4.23 -27.93 8.17
N ASP A 173 -4.53 -26.84 7.45
CA ASP A 173 -3.81 -26.40 6.27
C ASP A 173 -2.29 -26.53 6.45
N ASN A 174 -1.78 -26.33 7.67
CA ASN A 174 -0.34 -26.46 7.90
C ASN A 174 0.14 -27.90 7.78
N MET A 175 -0.74 -28.90 7.92
CA MET A 175 -0.36 -30.28 7.64
C MET A 175 -0.01 -30.47 6.16
N PHE A 176 -0.66 -29.73 5.27
CA PHE A 176 -0.49 -29.96 3.85
C PHE A 176 0.37 -28.90 3.17
N CYS A 177 0.59 -27.76 3.81
CA CYS A 177 1.34 -26.66 3.24
C CYS A 177 2.11 -25.98 4.36
N ASN A 178 3.43 -26.13 4.34
CA ASN A 178 4.31 -25.56 5.35
C ASN A 178 5.65 -25.25 4.69
N LYS A 179 6.60 -24.75 5.47
CA LYS A 179 7.87 -24.31 4.91
C LYS A 179 8.69 -25.44 4.27
N GLU A 180 8.44 -26.69 4.64
CA GLU A 180 9.19 -27.80 4.07
C GLU A 180 8.51 -28.38 2.83
N TYR A 181 7.19 -28.46 2.88
CA TYR A 181 6.42 -29.19 1.89
C TYR A 181 5.07 -28.52 1.71
N CYS A 182 4.60 -28.43 0.46
CA CYS A 182 3.29 -27.84 0.24
C CYS A 182 2.63 -28.46 -0.96
N ASN A 183 1.53 -29.15 -0.70
CA ASN A 183 0.72 -29.76 -1.74
C ASN A 183 -0.71 -29.84 -1.23
N ARG A 184 -1.43 -28.73 -1.40
CA ARG A 184 -2.82 -28.71 -1.00
C ARG A 184 -3.69 -29.64 -1.83
N LEU A 185 -3.19 -30.15 -2.97
CA LEU A 185 -4.06 -31.02 -3.76
C LEU A 185 -4.22 -32.40 -3.13
N LYS A 186 -3.31 -32.82 -2.24
CA LYS A 186 -3.49 -34.09 -1.54
C LYS A 186 -4.64 -34.05 -0.53
N ASP A 187 -5.26 -32.88 -0.28
CA ASP A 187 -6.31 -32.69 0.74
C ASP A 187 -7.65 -32.42 0.07
N GLU A 188 -8.41 -33.49 -0.20
CA GLU A 188 -9.64 -33.35 -0.99
C GLU A 188 -10.72 -32.49 -0.34
N ASN A 189 -10.46 -31.99 0.87
CA ASN A 189 -11.36 -31.02 1.50
C ASN A 189 -10.89 -29.57 1.34
N ASN A 190 -9.62 -29.35 1.01
CA ASN A 190 -9.11 -27.99 0.89
C ASN A 190 -9.89 -27.22 -0.17
N CYS A 191 -10.29 -26.00 0.19
CA CYS A 191 -10.88 -25.04 -0.76
C CYS A 191 -10.09 -24.99 -2.07
N ILE A 192 -8.76 -24.84 -1.97
CA ILE A 192 -7.93 -24.65 -3.15
C ILE A 192 -7.95 -25.88 -4.05
N SER A 193 -8.13 -27.07 -3.48
CA SER A 193 -8.20 -28.31 -4.23
C SER A 193 -9.49 -28.48 -4.99
N ASN A 194 -10.54 -27.77 -4.59
CA ASN A 194 -11.76 -27.78 -5.36
C ASN A 194 -11.79 -26.67 -6.43
N LEU A 195 -10.64 -26.03 -6.72
CA LEU A 195 -10.50 -25.11 -7.87
C LEU A 195 -10.04 -25.95 -9.04
N GLN A 196 -11.00 -26.48 -9.79
CA GLN A 196 -10.65 -27.43 -10.84
C GLN A 196 -9.82 -26.75 -11.92
N VAL A 197 -8.98 -27.56 -12.59
CA VAL A 197 -8.17 -27.09 -13.69
C VAL A 197 -9.09 -26.66 -14.83
N GLU A 198 -8.64 -25.67 -15.60
CA GLU A 198 -9.42 -25.14 -16.71
C GLU A 198 -8.59 -25.22 -18.00
N ASP A 199 -9.26 -24.96 -19.12
CA ASP A 199 -8.63 -24.96 -20.44
C ASP A 199 -8.97 -23.63 -21.11
N GLN A 200 -7.95 -22.77 -21.29
CA GLN A 200 -8.13 -21.48 -21.94
C GLN A 200 -8.55 -21.58 -23.40
N GLY A 201 -8.55 -22.78 -23.98
CA GLY A 201 -8.92 -22.90 -25.40
C GLY A 201 -7.85 -22.33 -26.32
N ASN A 202 -8.27 -21.96 -27.52
CA ASN A 202 -7.34 -21.46 -28.53
C ASN A 202 -7.29 -19.95 -28.57
N CYS A 203 -7.17 -19.32 -27.40
CA CYS A 203 -6.84 -17.91 -27.29
C CYS A 203 -5.66 -17.72 -26.33
N ASP A 204 -4.95 -16.60 -26.53
CA ASP A 204 -3.79 -16.21 -25.75
C ASP A 204 -4.25 -15.49 -24.47
N THR A 205 -4.99 -16.22 -23.64
CA THR A 205 -5.58 -15.63 -22.44
C THR A 205 -5.01 -16.16 -21.13
N SER A 206 -3.81 -16.75 -21.13
CA SER A 206 -3.26 -17.30 -19.89
C SER A 206 -3.04 -16.21 -18.83
N TRP A 207 -2.83 -14.93 -19.26
CA TRP A 207 -2.73 -13.85 -18.29
C TRP A 207 -3.98 -13.73 -17.44
N ILE A 208 -5.12 -14.06 -18.02
CA ILE A 208 -6.37 -14.03 -17.26
C ILE A 208 -6.47 -15.26 -16.37
N PHE A 209 -6.14 -16.44 -16.89
CA PHE A 209 -6.36 -17.65 -16.12
C PHE A 209 -5.44 -17.69 -14.90
N ALA A 210 -4.16 -17.31 -15.09
CA ALA A 210 -3.25 -17.34 -13.96
C ALA A 210 -3.54 -16.21 -12.97
N SER A 211 -3.92 -15.03 -13.47
CA SER A 211 -4.32 -13.94 -12.59
C SER A 211 -5.53 -14.31 -11.78
N LYS A 212 -6.55 -14.87 -12.44
CA LYS A 212 -7.80 -15.09 -11.71
C LYS A 212 -7.64 -16.23 -10.72
N TYR A 213 -6.87 -17.26 -11.08
CA TYR A 213 -6.58 -18.32 -10.13
C TYR A 213 -5.92 -17.78 -8.88
N HIS A 214 -4.96 -16.87 -9.05
CA HIS A 214 -4.29 -16.31 -7.88
C HIS A 214 -5.30 -15.59 -6.98
N LEU A 215 -6.26 -14.87 -7.59
CA LEU A 215 -7.26 -14.22 -6.75
C LEU A 215 -8.23 -15.25 -6.16
N GLU A 216 -8.54 -16.30 -6.90
CA GLU A 216 -9.34 -17.40 -6.34
C GLU A 216 -8.68 -18.03 -5.11
N THR A 217 -7.35 -18.28 -5.14
CA THR A 217 -6.75 -18.89 -3.95
C THR A 217 -6.71 -17.88 -2.80
N ILE A 218 -6.47 -16.60 -3.11
CA ILE A 218 -6.55 -15.57 -2.07
C ILE A 218 -7.91 -15.60 -1.40
N ARG A 219 -8.98 -15.68 -2.19
CA ARG A 219 -10.30 -15.75 -1.58
C ARG A 219 -10.46 -17.00 -0.72
N CYS A 220 -9.96 -18.15 -1.20
CA CYS A 220 -9.99 -19.37 -0.40
C CYS A 220 -9.31 -19.15 0.96
N MET A 221 -8.12 -18.56 0.96
CA MET A 221 -7.42 -18.29 2.22
C MET A 221 -8.22 -17.39 3.14
N LYS A 222 -9.20 -16.65 2.64
CA LYS A 222 -9.96 -15.76 3.52
C LYS A 222 -11.31 -16.33 3.87
N GLY A 223 -11.55 -17.60 3.58
CA GLY A 223 -12.77 -18.27 3.99
C GLY A 223 -13.85 -18.36 2.94
N TYR A 224 -13.67 -17.81 1.75
CA TYR A 224 -14.72 -17.88 0.75
C TYR A 224 -14.75 -19.24 0.09
N GLU A 225 -15.90 -19.57 -0.48
CA GLU A 225 -16.04 -20.82 -1.20
C GLU A 225 -15.17 -20.80 -2.47
N PRO A 226 -14.86 -21.89 -2.97
CA PRO A 226 -14.04 -21.97 -4.20
C PRO A 226 -14.83 -21.65 -5.47
N THR A 227 -15.31 -20.40 -5.57
CA THR A 227 -16.09 -19.98 -6.73
C THR A 227 -15.20 -19.42 -7.83
N LYS A 228 -15.37 -19.94 -9.04
CA LYS A 228 -14.55 -19.54 -10.15
C LYS A 228 -14.94 -18.15 -10.61
N ILE A 229 -13.93 -17.33 -10.90
CA ILE A 229 -14.11 -16.05 -11.59
C ILE A 229 -14.34 -16.29 -13.08
N SER A 230 -15.27 -15.51 -13.66
CA SER A 230 -15.48 -15.45 -15.11
C SER A 230 -14.27 -14.87 -15.82
N ALA A 231 -13.46 -15.74 -16.46
CA ALA A 231 -12.37 -15.24 -17.30
C ALA A 231 -12.89 -14.46 -18.51
N LEU A 232 -14.06 -14.82 -19.04
CA LEU A 232 -14.58 -14.16 -20.24
C LEU A 232 -14.94 -12.71 -19.98
N TYR A 233 -15.43 -12.41 -18.78
CA TYR A 233 -15.72 -11.03 -18.41
C TYR A 233 -14.46 -10.19 -18.49
N VAL A 234 -13.35 -10.71 -17.99
CA VAL A 234 -12.08 -9.97 -18.04
C VAL A 234 -11.59 -9.84 -19.47
N ALA A 235 -11.80 -10.88 -20.29
CA ALA A 235 -11.35 -10.84 -21.68
C ALA A 235 -12.08 -9.76 -22.49
N ASN A 236 -13.38 -9.61 -22.26
CA ASN A 236 -14.23 -8.78 -23.10
C ASN A 236 -14.49 -7.40 -22.52
N CYS A 237 -14.14 -7.15 -21.24
CA CYS A 237 -14.47 -5.91 -20.55
C CYS A 237 -13.16 -5.22 -20.22
N TYR A 238 -12.84 -4.18 -21.00
CA TYR A 238 -11.66 -3.38 -20.72
C TYR A 238 -11.84 -1.99 -21.32
N LYS A 239 -11.11 -1.03 -20.78
CA LYS A 239 -11.08 0.30 -21.34
C LYS A 239 -9.85 0.46 -22.23
N GLY A 240 -9.88 1.48 -23.07
CA GLY A 240 -8.80 1.77 -23.98
C GLY A 240 -9.18 1.47 -25.42
N GLU A 241 -8.16 1.40 -26.27
CA GLU A 241 -8.39 1.06 -27.66
C GLU A 241 -8.78 -0.41 -27.76
N HIS A 242 -9.59 -0.71 -28.77
CA HIS A 242 -9.96 -2.09 -29.01
C HIS A 242 -8.71 -2.92 -29.26
N LYS A 243 -8.73 -4.17 -28.78
CA LYS A 243 -7.66 -5.11 -29.00
C LYS A 243 -8.23 -6.44 -29.47
N ASP A 244 -7.37 -7.23 -30.13
CA ASP A 244 -7.66 -8.61 -30.50
C ASP A 244 -7.38 -9.51 -29.30
N ARG A 245 -8.39 -9.68 -28.44
CA ARG A 245 -8.22 -10.37 -27.17
C ARG A 245 -7.96 -11.86 -27.29
N CYS A 246 -8.18 -12.45 -28.46
CA CYS A 246 -7.87 -13.86 -28.66
C CYS A 246 -6.43 -14.07 -29.11
N ASP A 247 -5.89 -13.18 -29.92
CA ASP A 247 -4.60 -13.41 -30.53
C ASP A 247 -3.49 -12.57 -29.91
N GLU A 248 -3.83 -11.65 -29.00
CA GLU A 248 -2.84 -10.80 -28.35
C GLU A 248 -3.04 -10.90 -26.83
N GLY A 249 -2.00 -11.33 -26.13
CA GLY A 249 -2.04 -11.49 -24.70
C GLY A 249 -1.78 -10.19 -23.95
N SER A 250 -1.53 -10.33 -22.66
CA SER A 250 -1.36 -9.17 -21.80
C SER A 250 -0.68 -9.63 -20.51
N SER A 251 -1.12 -9.14 -19.35
CA SER A 251 -0.35 -9.36 -18.13
C SER A 251 -1.26 -9.20 -16.92
N PRO A 252 -0.82 -9.67 -15.74
CA PRO A 252 -1.62 -9.45 -14.53
C PRO A 252 -1.84 -7.97 -14.19
N MET A 253 -0.96 -7.07 -14.65
CA MET A 253 -1.21 -5.63 -14.51
C MET A 253 -2.56 -5.22 -15.11
N GLU A 254 -2.86 -5.73 -16.31
CA GLU A 254 -4.15 -5.37 -16.89
C GLU A 254 -5.30 -5.98 -16.11
N PHE A 255 -5.15 -7.22 -15.64
CA PHE A 255 -6.18 -7.79 -14.79
C PHE A 255 -6.52 -6.83 -13.64
N LEU A 256 -5.49 -6.27 -12.98
CA LEU A 256 -5.72 -5.37 -11.86
C LEU A 256 -6.40 -4.09 -12.34
N GLN A 257 -5.99 -3.61 -13.51
CA GLN A 257 -6.57 -2.41 -14.07
C GLN A 257 -8.05 -2.60 -14.37
N ILE A 258 -8.41 -3.76 -14.93
CA ILE A 258 -9.81 -4.05 -15.20
C ILE A 258 -10.64 -4.11 -13.92
N ILE A 259 -10.06 -4.62 -12.82
CA ILE A 259 -10.72 -4.61 -11.52
C ILE A 259 -10.99 -3.17 -11.07
N GLU A 260 -9.97 -2.32 -11.07
CA GLU A 260 -10.18 -0.91 -10.75
C GLU A 260 -11.28 -0.30 -11.63
N ASP A 261 -11.19 -0.49 -12.95
CA ASP A 261 -12.07 0.25 -13.85
C ASP A 261 -13.53 -0.25 -13.78
N TYR A 262 -13.75 -1.57 -13.65
CA TYR A 262 -15.10 -2.13 -13.67
C TYR A 262 -15.63 -2.47 -12.27
N GLY A 263 -14.75 -2.66 -11.29
CA GLY A 263 -15.17 -3.01 -9.93
C GLY A 263 -16.06 -4.23 -9.81
N PHE A 264 -16.04 -5.12 -10.78
CA PHE A 264 -16.96 -6.25 -10.76
C PHE A 264 -16.27 -7.46 -11.35
N LEU A 265 -16.44 -8.61 -10.70
CA LEU A 265 -15.98 -9.90 -11.23
C LEU A 265 -17.12 -10.90 -11.06
N PRO A 266 -17.81 -11.24 -12.12
CA PRO A 266 -18.86 -12.23 -11.99
C PRO A 266 -18.28 -13.62 -11.79
N ALA A 267 -19.12 -14.52 -11.30
CA ALA A 267 -18.79 -15.93 -11.20
C ALA A 267 -18.82 -16.54 -12.58
N GLU A 268 -18.00 -17.60 -12.75
CA GLU A 268 -17.95 -18.33 -14.02
C GLU A 268 -19.34 -18.66 -14.54
N SER A 269 -20.23 -19.16 -13.67
CA SER A 269 -21.56 -19.57 -14.12
C SER A 269 -22.41 -18.40 -14.61
N ASN A 270 -22.15 -17.18 -14.13
CA ASN A 270 -22.88 -16.01 -14.65
C ASN A 270 -22.54 -15.73 -16.13
N TYR A 271 -21.31 -16.00 -16.53
CA TYR A 271 -20.84 -15.60 -17.86
C TYR A 271 -19.72 -16.58 -18.24
N PRO A 272 -20.06 -17.80 -18.67
CA PRO A 272 -19.06 -18.87 -18.74
C PRO A 272 -18.18 -18.78 -19.98
N TYR A 273 -17.00 -19.36 -19.85
CA TYR A 273 -15.94 -19.18 -20.83
C TYR A 273 -16.02 -20.21 -21.95
N ASN A 274 -15.89 -19.72 -23.15
CA ASN A 274 -15.50 -20.54 -24.27
C ASN A 274 -14.64 -19.64 -25.13
N TYR A 275 -13.61 -20.23 -25.75
CA TYR A 275 -12.63 -19.42 -26.48
C TYR A 275 -13.26 -18.67 -27.68
N VAL A 276 -14.26 -19.25 -28.37
CA VAL A 276 -14.90 -18.55 -29.48
C VAL A 276 -15.64 -17.31 -29.02
N LYS A 277 -15.98 -17.20 -27.73
CA LYS A 277 -16.67 -16.02 -27.22
C LYS A 277 -15.72 -14.90 -26.85
N VAL A 278 -14.41 -15.14 -26.92
CA VAL A 278 -13.42 -14.09 -26.64
C VAL A 278 -13.48 -13.06 -27.75
N GLY A 279 -13.70 -11.81 -27.39
CA GLY A 279 -13.84 -10.76 -28.37
C GLY A 279 -15.26 -10.30 -28.55
N GLU A 280 -16.22 -10.97 -27.94
CA GLU A 280 -17.56 -10.46 -28.01
C GLU A 280 -17.69 -9.28 -27.04
N GLN A 281 -18.81 -8.55 -27.17
CA GLN A 281 -18.99 -7.31 -26.43
C GLN A 281 -19.09 -7.57 -24.94
N CYS A 282 -18.54 -6.66 -24.15
CA CYS A 282 -18.63 -6.73 -22.71
C CYS A 282 -20.10 -6.80 -22.30
N PRO A 283 -20.52 -7.77 -21.50
CA PRO A 283 -21.95 -7.91 -21.21
C PRO A 283 -22.42 -6.96 -20.15
N LYS A 284 -23.71 -6.66 -20.22
CA LYS A 284 -24.41 -6.06 -19.12
C LYS A 284 -24.34 -7.02 -17.95
N VAL A 285 -24.02 -6.48 -16.77
CA VAL A 285 -24.14 -7.28 -15.56
C VAL A 285 -25.61 -7.44 -15.23
N GLU A 286 -26.04 -8.68 -15.05
CA GLU A 286 -27.42 -8.99 -14.67
C GLU A 286 -27.58 -8.94 -13.16
N ASP A 287 -28.84 -8.82 -12.74
CA ASP A 287 -29.14 -8.53 -11.33
C ASP A 287 -28.85 -9.72 -10.41
N HIS A 288 -28.85 -10.95 -10.93
CA HIS A 288 -28.53 -12.13 -10.12
C HIS A 288 -27.03 -12.46 -10.07
N TRP A 289 -26.16 -11.67 -10.70
CA TRP A 289 -24.75 -12.04 -10.77
C TRP A 289 -24.04 -11.80 -9.45
N MET A 290 -23.16 -12.73 -9.08
N MET A 290 -23.20 -12.76 -9.07
CA MET A 290 -22.32 -12.59 -7.91
CA MET A 290 -22.29 -12.58 -7.93
C MET A 290 -21.11 -11.73 -8.26
C MET A 290 -21.18 -11.60 -8.31
N ASN A 291 -20.69 -10.87 -7.33
CA ASN A 291 -19.50 -10.05 -7.52
C ASN A 291 -18.37 -10.56 -6.62
N LEU A 292 -17.46 -11.34 -7.20
CA LEU A 292 -16.35 -11.91 -6.45
C LEU A 292 -15.27 -10.88 -6.14
N TRP A 293 -15.48 -9.61 -6.49
CA TRP A 293 -14.64 -8.52 -6.03
C TRP A 293 -15.34 -7.61 -5.00
N ASP A 294 -16.51 -8.03 -4.49
CA ASP A 294 -17.18 -7.36 -3.37
C ASP A 294 -16.24 -7.07 -2.23
N ASN A 295 -16.15 -5.80 -1.85
CA ASN A 295 -15.38 -5.31 -0.71
C ASN A 295 -13.88 -5.38 -0.94
N GLY A 296 -13.42 -5.70 -2.14
CA GLY A 296 -11.99 -5.79 -2.35
C GLY A 296 -11.37 -4.41 -2.47
N LYS A 297 -10.14 -4.28 -1.98
CA LYS A 297 -9.40 -3.06 -2.26
C LYS A 297 -8.00 -3.38 -2.79
N ILE A 298 -7.53 -2.48 -3.64
CA ILE A 298 -6.23 -2.58 -4.26
C ILE A 298 -5.23 -1.82 -3.42
N LEU A 299 -4.23 -2.54 -2.88
CA LEU A 299 -3.21 -1.96 -2.02
C LEU A 299 -2.01 -1.50 -2.83
N HIS A 300 -1.01 -0.94 -2.15
CA HIS A 300 0.15 -0.39 -2.82
C HIS A 300 1.27 -0.26 -1.80
N ASN A 301 2.29 -1.10 -1.91
CA ASN A 301 3.41 -1.08 -0.97
C ASN A 301 4.58 -0.30 -1.54
N LYS A 302 5.52 0.04 -0.65
CA LYS A 302 6.71 0.80 -1.04
C LYS A 302 7.55 0.01 -2.03
N ASN A 303 8.20 0.74 -2.95
CA ASN A 303 9.18 0.12 -3.83
C ASN A 303 10.33 -0.42 -2.97
N GLU A 304 10.61 -1.70 -3.11
CA GLU A 304 11.80 -2.26 -2.48
C GLU A 304 12.89 -2.44 -3.53
N PRO A 305 14.16 -2.61 -3.11
CA PRO A 305 15.27 -2.44 -4.06
C PRO A 305 15.41 -3.58 -5.06
N ASN A 306 14.95 -4.79 -4.72
CA ASN A 306 15.04 -5.92 -5.62
C ASN A 306 13.66 -6.44 -6.02
N SER A 307 12.62 -5.63 -5.87
CA SER A 307 11.28 -5.99 -6.34
C SER A 307 10.70 -4.85 -7.17
N LEU A 308 9.79 -5.20 -8.05
CA LEU A 308 8.98 -4.23 -8.79
C LEU A 308 7.63 -4.14 -8.11
N ASP A 309 7.32 -2.98 -7.54
CA ASP A 309 6.05 -2.78 -6.87
C ASP A 309 5.22 -1.75 -7.63
N GLY A 310 3.92 -1.98 -7.67
CA GLY A 310 2.97 -1.09 -8.31
C GLY A 310 1.62 -1.25 -7.63
N LYS A 311 0.60 -0.63 -8.19
CA LYS A 311 -0.73 -0.70 -7.60
C LYS A 311 -1.25 -2.11 -7.74
N GLY A 312 -1.44 -2.76 -6.60
CA GLY A 312 -1.98 -4.10 -6.48
C GLY A 312 -1.00 -5.23 -6.71
N TYR A 313 0.29 -4.98 -6.89
CA TYR A 313 1.16 -6.10 -7.18
C TYR A 313 2.59 -5.86 -6.71
N THR A 314 3.26 -6.95 -6.40
CA THR A 314 4.71 -7.03 -6.24
C THR A 314 5.19 -8.09 -7.21
N ALA A 315 6.26 -7.79 -7.93
CA ALA A 315 6.84 -8.76 -8.85
C ALA A 315 8.30 -8.97 -8.51
N TYR A 316 8.76 -10.19 -8.71
CA TYR A 316 10.17 -10.52 -8.53
C TYR A 316 10.67 -11.27 -9.74
N GLU A 317 11.85 -10.88 -10.24
CA GLU A 317 12.49 -11.52 -11.38
C GLU A 317 13.65 -12.43 -10.95
N SER A 318 13.66 -13.66 -11.48
CA SER A 318 14.67 -14.61 -11.08
C SER A 318 16.09 -14.11 -11.40
N GLU A 319 16.25 -13.38 -12.50
CA GLU A 319 17.60 -12.92 -12.87
C GLU A 319 18.18 -11.98 -11.81
N ARG A 320 17.35 -11.19 -11.16
CA ARG A 320 17.80 -10.33 -10.08
C ARG A 320 18.25 -11.12 -8.85
N PHE A 321 17.88 -12.40 -8.74
CA PHE A 321 18.26 -13.27 -7.63
C PHE A 321 19.23 -14.34 -8.08
N HIS A 322 19.91 -14.11 -9.22
CA HIS A 322 20.70 -15.15 -9.86
C HIS A 322 21.71 -15.77 -8.89
N ASP A 323 22.35 -14.93 -8.08
CA ASP A 323 23.34 -15.42 -7.13
C ASP A 323 22.79 -15.43 -5.71
N ASN A 324 21.46 -15.37 -5.56
CA ASN A 324 20.83 -15.51 -4.26
C ASN A 324 19.47 -16.18 -4.39
N MET A 325 19.47 -17.40 -4.93
CA MET A 325 18.21 -18.04 -5.29
C MET A 325 17.47 -18.60 -4.09
N ASP A 326 18.16 -18.86 -2.97
CA ASP A 326 17.47 -19.28 -1.76
C ASP A 326 16.49 -18.21 -1.29
N ALA A 327 16.88 -16.95 -1.38
CA ALA A 327 15.96 -15.86 -1.05
C ALA A 327 14.76 -15.84 -2.01
N PHE A 328 15.01 -16.01 -3.31
CA PHE A 328 13.93 -16.10 -4.28
C PHE A 328 12.96 -17.22 -3.92
N VAL A 329 13.50 -18.40 -3.59
CA VAL A 329 12.67 -19.54 -3.23
C VAL A 329 11.88 -19.24 -1.98
N LYS A 330 12.52 -18.58 -1.01
CA LYS A 330 11.86 -18.32 0.26
C LYS A 330 10.69 -17.36 0.07
N ILE A 331 10.82 -16.37 -0.80
CA ILE A 331 9.73 -15.43 -1.07
C ILE A 331 8.51 -16.19 -1.63
N ILE A 332 8.76 -17.09 -2.57
CA ILE A 332 7.66 -17.78 -3.25
C ILE A 332 6.96 -18.70 -2.27
N LYS A 333 7.73 -19.49 -1.50
CA LYS A 333 7.14 -20.36 -0.49
C LYS A 333 6.27 -19.55 0.46
N THR A 334 6.76 -18.41 0.93
CA THR A 334 5.96 -17.60 1.85
C THR A 334 4.65 -17.19 1.23
N GLU A 335 4.69 -16.80 -0.05
CA GLU A 335 3.45 -16.32 -0.66
C GLU A 335 2.55 -17.47 -1.05
N VAL A 336 3.12 -18.62 -1.44
CA VAL A 336 2.27 -19.78 -1.69
C VAL A 336 1.54 -20.17 -0.41
N MET A 337 2.26 -20.14 0.72
CA MET A 337 1.60 -20.46 1.97
C MET A 337 0.54 -19.42 2.31
N ASN A 338 0.85 -18.14 2.17
CA ASN A 338 -0.08 -17.12 2.66
C ASN A 338 -1.23 -16.84 1.70
N LYS A 339 -0.98 -16.80 0.38
CA LYS A 339 -2.01 -16.43 -0.56
C LYS A 339 -2.55 -17.63 -1.34
N GLY A 340 -1.96 -18.81 -1.17
CA GLY A 340 -2.41 -20.00 -1.84
C GLY A 340 -1.73 -20.29 -3.17
N SER A 341 -0.91 -19.39 -3.67
CA SER A 341 -0.33 -19.48 -5.00
C SER A 341 0.44 -18.19 -5.31
N VAL A 342 1.30 -18.23 -6.31
CA VAL A 342 1.77 -17.01 -6.95
C VAL A 342 1.54 -17.17 -8.46
N ILE A 343 1.64 -16.07 -9.18
CA ILE A 343 1.63 -16.07 -10.64
C ILE A 343 3.07 -16.24 -11.08
N ALA A 344 3.30 -17.07 -12.09
CA ALA A 344 4.64 -17.24 -12.61
C ALA A 344 4.67 -16.99 -14.11
N TYR A 345 5.72 -16.34 -14.56
CA TYR A 345 5.99 -16.12 -15.97
C TYR A 345 6.99 -17.14 -16.45
N ILE A 346 6.65 -17.83 -17.55
CA ILE A 346 7.55 -18.80 -18.15
C ILE A 346 7.54 -18.68 -19.67
N LYS A 347 8.47 -19.39 -20.27
CA LYS A 347 8.59 -19.50 -21.71
C LYS A 347 8.12 -20.90 -22.09
N ALA A 348 6.92 -20.97 -22.68
CA ALA A 348 6.34 -22.24 -23.12
C ALA A 348 6.84 -22.68 -24.50
N GLU A 349 6.94 -21.74 -25.42
CA GLU A 349 7.26 -22.06 -26.81
C GLU A 349 8.48 -22.97 -26.91
N ASN A 350 8.34 -24.06 -27.67
CA ASN A 350 9.41 -25.02 -27.94
C ASN A 350 9.92 -25.72 -26.69
N VAL A 351 9.23 -25.52 -25.56
CA VAL A 351 9.56 -26.16 -24.29
C VAL A 351 8.55 -27.26 -23.94
N MET A 352 7.25 -26.94 -23.94
CA MET A 352 6.22 -27.84 -23.45
C MET A 352 5.17 -28.10 -24.52
N GLY A 353 4.66 -29.34 -24.52
CA GLY A 353 3.67 -29.78 -25.50
C GLY A 353 2.75 -30.86 -24.99
N TYR A 354 1.98 -31.46 -25.92
CA TYR A 354 0.92 -32.39 -25.53
C TYR A 354 1.46 -33.59 -24.76
N GLU A 355 2.70 -33.98 -25.04
CA GLU A 355 3.32 -35.17 -24.45
C GLU A 355 4.15 -34.86 -23.20
N PHE A 356 4.15 -33.61 -22.75
CA PHE A 356 4.99 -33.16 -21.63
C PHE A 356 4.63 -33.94 -20.37
N SER A 357 5.65 -34.44 -19.70
CA SER A 357 5.41 -35.27 -18.52
C SER A 357 5.09 -34.37 -17.34
N GLY A 358 4.01 -34.67 -16.65
CA GLY A 358 3.68 -33.92 -15.47
C GLY A 358 4.14 -34.57 -14.16
N LYS A 359 4.57 -35.82 -14.21
CA LYS A 359 4.97 -36.56 -13.02
C LYS A 359 6.47 -36.50 -12.75
N LYS A 360 7.30 -36.47 -13.77
CA LYS A 360 8.73 -36.41 -13.55
C LYS A 360 9.08 -34.98 -13.19
N VAL A 361 10.06 -34.80 -12.30
CA VAL A 361 10.56 -33.47 -12.01
C VAL A 361 11.35 -33.00 -13.22
N GLN A 362 10.86 -31.95 -13.88
CA GLN A 362 11.50 -31.44 -15.08
C GLN A 362 12.70 -30.58 -14.69
N ASN A 363 13.78 -30.72 -15.45
CA ASN A 363 15.01 -29.94 -15.24
C ASN A 363 15.18 -29.04 -16.45
N LEU A 364 14.65 -27.82 -16.34
CA LEU A 364 14.52 -26.92 -17.48
C LEU A 364 15.29 -25.64 -17.22
N CYS A 365 15.86 -25.09 -18.29
CA CYS A 365 16.41 -23.75 -18.27
C CYS A 365 15.40 -22.76 -18.85
N GLY A 366 15.46 -21.51 -18.37
CA GLY A 366 14.82 -20.40 -19.02
C GLY A 366 15.70 -19.81 -20.09
N ASP A 367 15.19 -18.80 -20.75
CA ASP A 367 16.01 -18.14 -21.75
C ASP A 367 15.92 -16.62 -21.62
N ASP A 368 15.50 -16.15 -20.46
CA ASP A 368 15.36 -14.73 -20.14
C ASP A 368 14.18 -14.05 -20.86
N THR A 369 13.27 -14.81 -21.44
CA THR A 369 12.00 -14.28 -21.94
C THR A 369 10.84 -15.08 -21.33
N ALA A 370 9.63 -14.57 -21.50
CA ALA A 370 8.45 -15.30 -21.10
C ALA A 370 7.31 -14.96 -22.05
N ASP A 371 6.43 -15.94 -22.27
CA ASP A 371 5.26 -15.75 -23.12
C ASP A 371 4.00 -16.44 -22.58
N HIS A 372 4.03 -16.94 -21.36
CA HIS A 372 2.93 -17.67 -20.78
C HIS A 372 2.91 -17.49 -19.26
N ALA A 373 1.71 -17.29 -18.70
CA ALA A 373 1.54 -17.15 -17.27
C ALA A 373 0.90 -18.41 -16.72
N VAL A 374 1.48 -18.92 -15.65
CA VAL A 374 1.03 -20.11 -14.93
C VAL A 374 0.99 -19.74 -13.44
N ASN A 375 0.74 -20.70 -12.56
CA ASN A 375 0.72 -20.48 -11.12
C ASN A 375 1.59 -21.52 -10.41
N ILE A 376 2.47 -21.07 -9.55
CA ILE A 376 3.13 -21.99 -8.63
C ILE A 376 2.19 -22.19 -7.46
N VAL A 377 1.88 -23.46 -7.17
CA VAL A 377 0.84 -23.79 -6.19
C VAL A 377 1.36 -24.63 -5.02
N GLY A 378 2.61 -25.08 -5.06
CA GLY A 378 3.18 -25.91 -4.02
C GLY A 378 4.62 -26.20 -4.33
N TYR A 379 5.21 -27.08 -3.51
CA TYR A 379 6.63 -27.39 -3.63
C TYR A 379 6.95 -28.61 -2.76
N GLY A 380 8.14 -29.17 -2.99
CA GLY A 380 8.56 -30.37 -2.26
C GLY A 380 10.02 -30.67 -2.53
N ASN A 381 10.51 -31.68 -1.81
CA ASN A 381 11.87 -32.22 -1.97
C ASN A 381 11.80 -33.66 -2.45
N TYR A 382 12.77 -34.04 -3.27
CA TYR A 382 12.96 -35.41 -3.71
C TYR A 382 14.46 -35.72 -3.65
N VAL A 383 14.78 -36.99 -3.47
CA VAL A 383 16.13 -37.49 -3.70
C VAL A 383 16.12 -38.14 -5.08
N ASN A 384 16.90 -37.61 -6.02
CA ASN A 384 16.81 -38.07 -7.41
C ASN A 384 17.49 -39.44 -7.53
N SER A 385 17.43 -39.99 -8.75
CA SER A 385 18.01 -41.32 -8.98
C SER A 385 19.48 -41.35 -8.58
N GLU A 386 20.21 -40.25 -8.84
CA GLU A 386 21.64 -40.15 -8.56
C GLU A 386 21.95 -39.84 -7.11
N GLY A 387 21.01 -40.00 -6.18
CA GLY A 387 21.28 -39.75 -4.77
C GLY A 387 21.23 -38.31 -4.28
N GLU A 388 21.05 -37.30 -5.14
CA GLU A 388 21.07 -35.91 -4.68
C GLU A 388 19.69 -35.44 -4.24
N LYS A 389 19.66 -34.64 -3.16
CA LYS A 389 18.43 -34.02 -2.69
C LYS A 389 18.15 -32.76 -3.49
N LYS A 390 16.95 -32.67 -4.04
CA LYS A 390 16.58 -31.53 -4.87
C LYS A 390 15.14 -31.14 -4.58
N SER A 391 14.81 -29.92 -4.99
CA SER A 391 13.53 -29.30 -4.67
C SER A 391 12.79 -28.95 -5.96
N TYR A 392 11.46 -29.12 -5.95
CA TYR A 392 10.63 -28.80 -7.11
C TYR A 392 9.50 -27.85 -6.73
N TRP A 393 9.09 -26.99 -7.69
CA TRP A 393 7.80 -26.31 -7.66
C TRP A 393 6.73 -27.22 -8.23
N ILE A 394 5.50 -27.11 -7.71
CA ILE A 394 4.32 -27.69 -8.32
C ILE A 394 3.62 -26.54 -9.03
N VAL A 395 3.32 -26.73 -10.32
CA VAL A 395 2.89 -25.66 -11.22
C VAL A 395 1.57 -26.05 -11.88
N ARG A 396 0.63 -25.12 -11.84
CA ARG A 396 -0.67 -25.28 -12.48
C ARG A 396 -0.66 -24.56 -13.82
N ASN A 397 -1.16 -25.24 -14.86
CA ASN A 397 -1.33 -24.71 -16.20
C ASN A 397 -2.83 -24.61 -16.53
N SER A 398 -3.13 -23.79 -17.54
CA SER A 398 -4.50 -23.61 -17.98
C SER A 398 -4.71 -24.28 -19.34
N TRP A 399 -4.14 -25.49 -19.52
CA TRP A 399 -4.28 -26.25 -20.76
C TRP A 399 -5.18 -27.48 -20.57
N GLY A 400 -6.07 -27.39 -19.60
CA GLY A 400 -6.98 -28.47 -19.29
C GLY A 400 -6.37 -29.64 -18.53
N PRO A 401 -7.21 -30.60 -18.16
CA PRO A 401 -6.80 -31.72 -17.32
C PRO A 401 -6.22 -32.92 -18.05
N TYR A 402 -6.07 -32.91 -19.37
CA TYR A 402 -5.48 -34.04 -20.08
C TYR A 402 -4.05 -33.75 -20.44
N TRP A 403 -3.48 -32.73 -19.84
CA TRP A 403 -2.13 -32.30 -20.06
C TRP A 403 -1.35 -32.42 -18.77
N GLY A 404 -0.09 -32.80 -18.85
CA GLY A 404 0.69 -32.91 -17.64
C GLY A 404 0.09 -33.94 -16.70
N ASP A 405 0.16 -33.65 -15.41
CA ASP A 405 -0.41 -34.53 -14.39
C ASP A 405 -1.75 -33.94 -13.97
N GLU A 406 -2.79 -34.30 -14.70
CA GLU A 406 -4.12 -33.74 -14.44
C GLU A 406 -4.09 -32.19 -14.46
N GLY A 407 -3.22 -31.61 -15.29
CA GLY A 407 -3.20 -30.18 -15.53
C GLY A 407 -2.02 -29.46 -14.90
N TYR A 408 -1.19 -30.16 -14.11
CA TYR A 408 -0.10 -29.63 -13.29
C TYR A 408 1.22 -30.25 -13.73
N PHE A 409 2.32 -29.68 -13.28
CA PHE A 409 3.61 -30.30 -13.52
C PHE A 409 4.56 -29.91 -12.40
N LYS A 410 5.74 -30.55 -12.40
CA LYS A 410 6.81 -30.31 -11.43
C LYS A 410 8.08 -29.89 -12.15
N VAL A 411 8.79 -28.92 -11.61
CA VAL A 411 10.00 -28.42 -12.22
C VAL A 411 10.99 -28.07 -11.11
N ASP A 412 12.25 -28.41 -11.32
CA ASP A 412 13.27 -28.17 -10.31
C ASP A 412 13.38 -26.68 -10.08
N MET A 413 13.42 -26.27 -8.81
CA MET A 413 13.46 -24.84 -8.47
C MET A 413 14.71 -24.16 -9.00
N TYR A 414 15.83 -24.88 -8.94
CA TYR A 414 17.12 -24.28 -9.21
C TYR A 414 17.56 -24.57 -10.63
N GLY A 415 17.11 -25.68 -11.19
CA GLY A 415 17.41 -26.03 -12.56
C GLY A 415 18.81 -26.62 -12.68
N PRO A 416 19.16 -27.15 -13.85
CA PRO A 416 20.50 -27.71 -14.02
C PRO A 416 21.56 -26.63 -13.95
N THR A 417 22.79 -27.08 -13.72
CA THR A 417 23.88 -26.20 -13.35
C THR A 417 24.34 -25.35 -14.53
N HIS A 418 24.23 -25.87 -15.74
CA HIS A 418 24.61 -25.09 -16.91
C HIS A 418 23.66 -23.93 -17.23
N CYS A 419 22.45 -23.85 -16.63
CA CYS A 419 21.49 -22.82 -17.02
C CYS A 419 22.03 -21.43 -16.71
N HIS A 420 22.00 -20.54 -17.70
CA HIS A 420 22.23 -19.12 -17.42
C HIS A 420 20.98 -18.39 -16.90
N PHE A 421 19.77 -18.89 -17.12
CA PHE A 421 18.54 -18.24 -16.69
C PHE A 421 17.59 -19.29 -16.12
N ASN A 422 16.89 -18.94 -15.05
CA ASN A 422 15.96 -19.87 -14.45
C ASN A 422 14.69 -20.00 -15.30
N PHE A 423 14.14 -21.22 -15.31
CA PHE A 423 12.88 -21.50 -15.98
C PHE A 423 11.77 -20.57 -15.51
N ILE A 424 11.73 -20.28 -14.20
CA ILE A 424 10.81 -19.28 -13.67
C ILE A 424 11.39 -17.90 -13.97
N HIS A 425 10.81 -17.19 -14.94
CA HIS A 425 11.33 -15.89 -15.32
C HIS A 425 11.01 -14.86 -14.24
N SER A 426 9.75 -14.82 -13.77
CA SER A 426 9.31 -13.91 -12.74
C SER A 426 8.17 -14.54 -11.96
N VAL A 427 7.91 -13.99 -10.77
CA VAL A 427 6.66 -14.25 -10.08
C VAL A 427 6.00 -12.92 -9.73
N VAL A 428 4.68 -12.97 -9.57
CA VAL A 428 3.86 -11.81 -9.30
C VAL A 428 2.85 -12.21 -8.24
N ILE A 429 2.74 -11.37 -7.21
CA ILE A 429 1.81 -11.52 -6.11
C ILE A 429 0.86 -10.33 -6.13
N PHE A 430 -0.43 -10.60 -5.97
CA PHE A 430 -1.37 -9.50 -5.86
C PHE A 430 -1.37 -8.97 -4.42
N ASN A 431 -1.41 -7.65 -4.29
CA ASN A 431 -1.53 -6.97 -3.00
C ASN A 431 -2.90 -6.31 -3.00
N VAL A 432 -3.87 -7.03 -2.47
CA VAL A 432 -5.26 -6.61 -2.39
C VAL A 432 -5.74 -6.89 -0.98
N ASP A 433 -6.89 -6.33 -0.64
CA ASP A 433 -7.54 -6.61 0.64
C ASP A 433 -8.96 -7.02 0.36
N LEU A 434 -9.39 -8.07 1.04
CA LEU A 434 -10.77 -8.49 1.16
C LEU A 434 -10.95 -8.85 2.62
N PRO A 435 -12.17 -8.70 3.15
CA PRO A 435 -12.43 -9.13 4.54
C PRO A 435 -12.65 -10.63 4.65
N MET A 436 -12.10 -11.22 5.72
CA MET A 436 -12.41 -12.61 6.04
C MET A 436 -13.89 -12.89 5.93
N ASN A 437 -14.24 -14.08 5.48
CA ASN A 437 -15.64 -14.50 5.38
C ASN A 437 -16.12 -14.88 6.78
N ASN A 438 -16.69 -13.90 7.49
CA ASN A 438 -17.14 -14.07 8.89
C ASN A 438 -16.07 -14.77 9.73
N THR B 1 8.20 48.90 -3.05
CA THR B 1 8.36 49.79 -1.92
C THR B 1 9.26 49.16 -0.83
N GLU B 2 10.12 49.98 -0.24
CA GLU B 2 10.83 49.61 0.99
C GLU B 2 10.00 49.96 2.22
N ASP B 3 8.68 49.78 2.12
CA ASP B 3 7.80 49.79 3.29
C ASP B 3 8.13 48.67 4.28
N ASP B 4 8.98 47.71 3.88
CA ASP B 4 9.54 46.79 4.85
C ASP B 4 10.35 47.53 5.92
N ASP B 5 10.83 48.74 5.62
CA ASP B 5 11.50 49.56 6.62
C ASP B 5 10.51 50.27 7.53
N GLU B 6 9.27 50.53 7.07
CA GLU B 6 8.22 50.97 7.99
C GLU B 6 7.86 49.85 8.96
N ASP B 7 7.79 48.60 8.47
CA ASP B 7 7.64 47.46 9.37
C ASP B 7 8.80 47.41 10.35
N ASP B 8 10.02 47.62 9.87
CA ASP B 8 11.20 47.53 10.75
C ASP B 8 11.20 48.60 11.82
N TYR B 9 10.75 49.82 11.51
CA TYR B 9 10.66 50.86 12.53
C TYR B 9 9.75 50.40 13.67
N THR B 10 8.54 49.95 13.34
CA THR B 10 7.58 49.58 14.37
C THR B 10 8.15 48.51 15.29
N GLU B 11 8.91 47.56 14.74
CA GLU B 11 9.48 46.51 15.58
C GLU B 11 10.56 47.06 16.52
N TYR B 12 11.32 48.06 16.07
CA TYR B 12 12.28 48.71 16.95
C TYR B 12 11.58 49.45 18.08
N LYS B 13 10.53 50.20 17.75
CA LYS B 13 9.74 50.86 18.78
C LYS B 13 9.13 49.84 19.74
N LEU B 14 8.63 48.71 19.22
CA LEU B 14 8.08 47.69 20.09
C LEU B 14 9.15 47.14 21.00
N THR B 15 10.37 46.98 20.49
CA THR B 15 11.43 46.48 21.34
C THR B 15 11.76 47.48 22.44
N GLU B 16 11.71 48.78 22.14
CA GLU B 16 11.96 49.75 23.19
C GLU B 16 10.88 49.64 24.26
N SER B 17 9.61 49.62 23.84
CA SER B 17 8.50 49.49 24.76
C SER B 17 8.68 48.31 25.72
N ILE B 18 9.00 47.13 25.17
CA ILE B 18 9.16 45.94 26.00
C ILE B 18 10.21 46.18 27.07
N ASP B 19 11.39 46.66 26.66
CA ASP B 19 12.45 46.93 27.64
C ASP B 19 12.01 47.99 28.65
N ASN B 20 11.27 49.01 28.22
CA ASN B 20 10.81 50.01 29.18
C ASN B 20 9.82 49.43 30.17
N ILE B 21 8.95 48.51 29.71
CA ILE B 21 7.96 47.94 30.62
C ILE B 21 8.63 47.00 31.60
N LEU B 22 9.58 46.19 31.13
CA LEU B 22 10.25 45.24 32.01
C LEU B 22 10.93 45.93 33.19
N VAL B 23 11.41 47.17 33.02
CA VAL B 23 11.97 47.91 34.13
C VAL B 23 10.86 48.41 35.05
N LYS B 24 9.84 49.04 34.48
CA LYS B 24 8.74 49.56 35.29
C LYS B 24 7.95 48.46 36.01
N MET B 25 8.23 47.18 35.75
CA MET B 25 7.55 46.07 36.43
C MET B 25 8.31 45.60 37.68
N PHE B 26 9.24 46.42 38.19
CA PHE B 26 10.04 46.05 39.35
C PHE B 26 10.40 47.28 40.20
N SER B 35 15.16 44.26 44.39
CA SER B 35 14.45 44.43 43.12
C SER B 35 13.32 43.41 42.95
N GLU B 36 12.13 43.76 43.43
CA GLU B 36 10.98 42.86 43.44
C GLU B 36 9.92 43.31 42.44
N LEU B 37 9.01 42.38 42.15
CA LEU B 37 7.99 42.56 41.12
C LEU B 37 6.77 43.30 41.65
N ILE B 38 6.32 44.34 40.94
CA ILE B 38 5.38 45.31 41.49
C ILE B 38 3.97 44.75 41.58
N LYS B 39 3.05 45.57 42.10
CA LYS B 39 1.68 45.15 42.34
C LYS B 39 0.70 46.10 41.66
N LEU B 40 -0.47 45.56 41.32
CA LEU B 40 -1.53 46.33 40.67
C LEU B 40 -1.68 47.75 41.22
N GLU B 41 -1.74 47.90 42.54
CA GLU B 41 -1.91 49.24 43.13
C GLU B 41 -0.70 50.12 42.86
N GLU B 42 0.50 49.54 42.87
CA GLU B 42 1.74 50.26 42.57
C GLU B 42 1.87 50.67 41.10
N VAL B 43 0.77 50.81 40.36
CA VAL B 43 0.83 51.08 38.93
C VAL B 43 0.55 52.57 38.70
N ASP B 44 1.61 53.30 38.35
CA ASP B 44 1.55 54.73 38.02
C ASP B 44 0.92 54.95 36.65
N ASP B 45 0.64 56.22 36.34
CA ASP B 45 0.07 56.55 35.04
C ASP B 45 1.10 56.46 33.93
N SER B 46 2.39 56.39 34.26
CA SER B 46 3.44 56.30 33.26
C SER B 46 3.61 54.86 32.77
N LEU B 47 3.46 53.89 33.66
CA LEU B 47 3.41 52.51 33.23
C LEU B 47 2.13 52.24 32.47
N LYS B 48 1.01 52.78 32.96
CA LYS B 48 -0.26 52.64 32.25
C LYS B 48 -0.13 53.12 30.81
N LEU B 49 0.55 54.24 30.60
CA LEU B 49 0.66 54.77 29.25
C LEU B 49 1.60 53.93 28.40
N GLU B 50 2.68 53.42 28.98
CA GLU B 50 3.58 52.57 28.23
C GLU B 50 2.90 51.25 27.83
N LEU B 51 1.99 50.75 28.68
CA LEU B 51 1.28 49.51 28.38
C LEU B 51 0.33 49.68 27.18
N MET B 52 -0.40 50.79 27.13
CA MET B 52 -1.28 51.00 26.00
C MET B 52 -0.50 51.27 24.73
N ASN B 53 0.70 51.82 24.87
CA ASN B 53 1.56 52.04 23.72
C ASN B 53 2.12 50.72 23.22
N TYR B 54 2.57 49.89 24.15
CA TYR B 54 3.02 48.53 23.82
C TYR B 54 1.99 47.79 22.99
N CYS B 55 0.70 47.87 23.37
CA CYS B 55 -0.30 47.07 22.67
C CYS B 55 -0.71 47.69 21.35
N SER B 56 -0.52 49.00 21.19
CA SER B 56 -0.77 49.62 19.90
C SER B 56 0.28 49.21 18.89
N LEU B 57 1.53 49.10 19.33
CA LEU B 57 2.60 48.57 18.49
C LEU B 57 2.35 47.10 18.16
N LEU B 58 2.07 46.28 19.18
CA LEU B 58 1.84 44.87 18.93
C LEU B 58 0.76 44.70 17.87
N LYS B 59 -0.36 45.41 18.04
CA LYS B 59 -1.44 45.35 17.06
C LYS B 59 -0.94 45.77 15.68
N ASP B 60 0.02 46.70 15.62
CA ASP B 60 0.44 47.23 14.33
C ASP B 60 1.27 46.24 13.54
N VAL B 61 2.18 45.50 14.19
CA VAL B 61 3.00 44.53 13.47
C VAL B 61 2.46 43.11 13.60
N ASP B 62 1.29 42.91 14.19
CA ASP B 62 0.77 41.57 14.43
C ASP B 62 0.23 41.02 13.12
N THR B 63 0.88 39.99 12.60
CA THR B 63 0.44 39.31 11.38
C THR B 63 -0.37 38.06 11.67
N THR B 64 -0.65 37.75 12.94
CA THR B 64 -1.31 36.49 13.31
C THR B 64 -2.82 36.60 13.40
N GLY B 65 -3.36 37.82 13.39
CA GLY B 65 -4.79 38.06 13.56
C GLY B 65 -5.29 38.02 14.98
N THR B 66 -4.41 37.85 15.96
CA THR B 66 -4.88 37.77 17.35
C THR B 66 -5.65 39.02 17.73
N LEU B 67 -5.09 40.19 17.46
CA LEU B 67 -5.70 41.45 17.86
C LEU B 67 -6.59 42.04 16.79
N ASP B 68 -6.48 41.59 15.53
CA ASP B 68 -7.49 41.97 14.54
C ASP B 68 -8.88 41.59 15.02
N ASN B 69 -9.00 40.47 15.73
CA ASN B 69 -10.28 39.80 15.82
C ASN B 69 -10.91 39.80 17.21
N TYR B 70 -10.15 40.14 18.25
CA TYR B 70 -10.63 40.02 19.62
C TYR B 70 -10.43 41.31 20.41
N GLY B 71 -11.14 41.40 21.54
CA GLY B 71 -11.09 42.59 22.35
C GLY B 71 -9.75 42.76 23.02
N MET B 72 -9.19 43.97 22.90
CA MET B 72 -7.95 44.32 23.57
C MET B 72 -8.23 44.74 25.02
N GLY B 73 -7.32 44.38 25.90
CA GLY B 73 -7.49 44.73 27.29
C GLY B 73 -7.23 46.20 27.55
N ASN B 74 -7.71 46.65 28.70
CA ASN B 74 -7.31 47.95 29.23
C ASN B 74 -5.97 47.80 29.95
N GLU B 75 -5.53 48.89 30.59
CA GLU B 75 -4.21 48.96 31.21
C GLU B 75 -4.04 47.89 32.30
N MET B 76 -5.10 47.63 33.06
CA MET B 76 -4.97 46.65 34.14
C MET B 76 -5.02 45.23 33.61
N ASP B 77 -5.87 44.98 32.60
CA ASP B 77 -5.88 43.69 31.92
C ASP B 77 -4.48 43.37 31.39
N ILE B 78 -3.87 44.30 30.67
CA ILE B 78 -2.53 44.08 30.16
C ILE B 78 -1.55 43.85 31.30
N PHE B 79 -1.60 44.68 32.33
CA PHE B 79 -0.70 44.46 33.45
C PHE B 79 -0.89 43.06 34.03
N ASN B 80 -2.13 42.66 34.28
CA ASN B 80 -2.36 41.31 34.80
C ASN B 80 -1.83 40.26 33.83
N ASN B 81 -2.07 40.44 32.53
CA ASN B 81 -1.57 39.45 31.59
C ASN B 81 -0.05 39.32 31.70
N LEU B 82 0.67 40.45 31.75
CA LEU B 82 2.12 40.39 31.84
C LEU B 82 2.57 39.83 33.18
N LYS B 83 1.91 40.22 34.26
CA LYS B 83 2.23 39.67 35.57
C LYS B 83 2.17 38.15 35.55
N ARG B 84 1.05 37.60 35.05
CA ARG B 84 0.95 36.15 35.00
C ARG B 84 2.06 35.55 34.16
N LEU B 85 2.37 36.19 33.02
CA LEU B 85 3.42 35.68 32.16
C LEU B 85 4.75 35.64 32.90
N LEU B 86 5.08 36.71 33.62
CA LEU B 86 6.34 36.76 34.33
C LEU B 86 6.41 35.70 35.43
N ILE B 87 5.34 35.56 36.22
CA ILE B 87 5.31 34.55 37.27
C ILE B 87 5.59 33.15 36.71
N TYR B 88 4.96 32.81 35.58
CA TYR B 88 5.20 31.48 34.97
C TYR B 88 6.61 31.34 34.39
N HIS B 89 7.32 32.44 34.21
CA HIS B 89 8.66 32.42 33.62
C HIS B 89 9.67 33.05 34.58
N SER B 90 9.46 32.83 35.89
CA SER B 90 10.38 33.27 36.94
C SER B 90 11.83 32.89 36.63
N GLU B 91 12.06 31.63 36.29
CA GLU B 91 13.41 31.06 36.20
C GLU B 91 14.15 31.45 34.92
N GLU B 92 13.55 32.26 34.05
CA GLU B 92 14.12 32.55 32.73
C GLU B 92 14.86 33.89 32.74
N ASN B 93 15.83 34.00 31.85
CA ASN B 93 16.60 35.23 31.80
C ASN B 93 15.84 36.32 31.05
N ILE B 94 16.36 37.54 31.13
CA ILE B 94 15.68 38.69 30.56
C ILE B 94 15.54 38.58 29.05
N ASN B 95 16.43 37.82 28.40
CA ASN B 95 16.31 37.62 26.96
C ASN B 95 15.07 36.79 26.63
N THR B 96 14.88 35.67 27.33
CA THR B 96 13.71 34.84 27.09
C THR B 96 12.43 35.64 27.31
N LEU B 97 12.40 36.45 28.38
CA LEU B 97 11.18 37.21 28.68
C LEU B 97 10.90 38.23 27.59
N LYS B 98 11.93 38.98 27.17
CA LYS B 98 11.75 39.91 26.06
C LYS B 98 11.08 39.23 24.88
N ASN B 99 11.35 37.94 24.69
CA ASN B 99 10.77 37.17 23.60
C ASN B 99 9.27 36.94 23.81
N LYS B 100 8.90 36.37 24.96
CA LYS B 100 7.50 36.06 25.23
C LYS B 100 6.62 37.31 25.12
N PHE B 101 7.18 38.46 25.41
CA PHE B 101 6.41 39.69 25.34
C PHE B 101 6.03 40.03 23.90
N ARG B 102 6.46 39.25 22.93
CA ARG B 102 6.05 39.53 21.54
C ARG B 102 4.86 38.73 21.10
N ASN B 103 4.30 37.90 21.97
CA ASN B 103 3.04 37.23 21.69
C ASN B 103 1.92 38.24 21.85
N ALA B 104 1.26 38.57 20.74
CA ALA B 104 0.16 39.53 20.79
C ALA B 104 -0.96 39.13 21.76
N ALA B 105 -1.00 37.87 22.20
CA ALA B 105 -2.03 37.44 23.13
C ALA B 105 -2.02 38.24 24.42
N VAL B 106 -0.86 38.78 24.83
CA VAL B 106 -0.78 39.47 26.13
C VAL B 106 -1.66 40.71 26.14
N CYS B 107 -2.06 41.19 24.97
CA CYS B 107 -2.90 42.37 24.86
C CYS B 107 -4.37 42.03 24.82
N LEU B 108 -4.72 40.75 24.86
CA LEU B 108 -6.12 40.38 24.86
C LEU B 108 -6.77 40.73 26.18
N LYS B 109 -8.02 41.17 26.12
CA LYS B 109 -8.78 41.32 27.36
C LYS B 109 -8.99 39.98 28.03
N ASN B 110 -9.28 38.96 27.23
CA ASN B 110 -9.33 37.58 27.72
C ASN B 110 -8.36 36.74 26.88
N VAL B 111 -7.25 36.32 27.49
CA VAL B 111 -6.20 35.62 26.77
C VAL B 111 -6.66 34.26 26.26
N ASP B 112 -7.74 33.70 26.82
CA ASP B 112 -8.24 32.42 26.32
C ASP B 112 -8.80 32.56 24.90
N ASP B 113 -9.26 33.75 24.51
CA ASP B 113 -9.62 34.02 23.12
C ASP B 113 -8.52 33.61 22.15
N TRP B 114 -7.25 33.64 22.58
CA TRP B 114 -6.15 33.47 21.65
C TRP B 114 -6.27 32.16 20.88
N ILE B 115 -6.70 31.07 21.54
CA ILE B 115 -6.71 29.76 20.90
C ILE B 115 -8.09 29.32 20.42
N VAL B 116 -9.11 30.16 20.59
CA VAL B 116 -10.48 29.79 20.19
C VAL B 116 -10.47 29.30 18.73
N ASN B 117 -9.78 30.02 17.85
CA ASN B 117 -9.74 29.72 16.43
C ASN B 117 -8.31 29.41 16.00
N LYS B 118 -7.57 28.72 16.87
CA LYS B 118 -6.15 28.46 16.65
C LYS B 118 -5.86 27.01 16.87
N ARG B 119 -6.82 26.19 16.47
CA ARG B 119 -6.72 24.75 16.58
C ARG B 119 -6.78 24.17 15.17
N GLY B 120 -7.64 23.19 14.92
CA GLY B 120 -7.84 22.80 13.53
C GLY B 120 -7.97 21.32 13.21
N LEU B 121 -8.18 20.52 14.24
CA LEU B 121 -8.37 19.08 14.07
C LEU B 121 -9.86 18.80 14.23
N VAL B 122 -10.48 18.31 13.18
CA VAL B 122 -11.84 17.79 13.20
C VAL B 122 -11.71 16.35 12.72
N LEU B 123 -11.80 15.40 13.65
CA LEU B 123 -11.60 13.99 13.32
C LEU B 123 -12.73 13.50 12.41
N PRO B 124 -12.44 12.60 11.47
CA PRO B 124 -13.50 12.07 10.60
C PRO B 124 -14.15 10.82 11.20
N GLU B 125 -15.40 10.59 10.79
CA GLU B 125 -16.09 9.36 11.17
C GLU B 125 -15.25 8.16 10.75
N LEU B 126 -14.98 7.27 11.71
CA LEU B 126 -14.30 5.99 11.45
C LEU B 126 -15.27 4.86 11.74
N ASN B 127 -15.36 3.90 10.83
CA ASN B 127 -16.05 2.63 11.09
C ASN B 127 -15.04 1.75 11.82
N TYR B 128 -14.96 1.94 13.14
CA TYR B 128 -14.11 1.10 13.96
C TYR B 128 -14.45 -0.37 13.80
N ASP B 129 -15.66 -0.69 13.31
CA ASP B 129 -16.01 -2.07 13.05
C ASP B 129 -15.00 -2.75 12.12
N LEU B 130 -14.74 -2.14 10.95
CA LEU B 130 -13.89 -2.76 9.95
C LEU B 130 -12.41 -2.55 10.27
N GLU B 131 -12.06 -1.38 10.78
CA GLU B 131 -10.67 -1.01 11.06
C GLU B 131 -10.05 -1.85 12.17
N TYR B 132 -10.87 -2.38 13.08
CA TYR B 132 -10.41 -3.10 14.27
C TYR B 132 -10.93 -4.54 14.25
N PHE B 133 -10.01 -5.49 14.44
CA PHE B 133 -10.24 -6.94 14.25
C PHE B 133 -11.58 -7.28 13.62
N ASP B 173 22.90 12.91 9.65
CA ASP B 173 21.48 13.23 9.51
C ASP B 173 20.66 12.72 10.69
N ASN B 174 20.98 11.50 11.15
CA ASN B 174 20.30 10.88 12.29
C ASN B 174 21.21 10.79 13.51
N MET B 175 22.15 11.73 13.64
CA MET B 175 23.17 11.66 14.68
C MET B 175 22.55 11.64 16.08
N PHE B 176 21.57 12.49 16.34
CA PHE B 176 21.13 12.73 17.72
C PHE B 176 19.80 12.08 18.01
N CYS B 177 19.58 10.88 17.45
CA CYS B 177 18.29 10.21 17.61
C CYS B 177 18.51 8.71 17.60
N ASN B 178 18.39 8.10 18.78
CA ASN B 178 18.34 6.66 18.89
C ASN B 178 17.22 6.35 19.89
N LYS B 179 17.21 5.12 20.40
CA LYS B 179 16.05 4.58 21.09
C LYS B 179 15.84 5.17 22.49
N GLU B 180 16.85 5.80 23.10
CA GLU B 180 16.61 6.39 24.42
C GLU B 180 16.61 7.91 24.44
N TYR B 181 17.22 8.56 23.45
CA TYR B 181 17.27 10.00 23.42
C TYR B 181 17.24 10.44 21.97
N CYS B 182 16.44 11.49 21.69
CA CYS B 182 16.26 11.98 20.32
C CYS B 182 15.97 13.46 20.40
N ASN B 183 16.91 14.26 19.91
CA ASN B 183 16.76 15.70 19.93
C ASN B 183 17.65 16.21 18.81
N ARG B 184 17.09 16.21 17.60
CA ARG B 184 17.78 16.73 16.43
C ARG B 184 17.98 18.22 16.49
N LEU B 185 17.27 18.91 17.38
CA LEU B 185 17.50 20.35 17.53
C LEU B 185 18.87 20.68 18.15
N LYS B 186 19.51 19.75 18.86
CA LYS B 186 20.85 20.05 19.39
C LYS B 186 21.85 20.32 18.28
N ASP B 187 21.60 19.80 17.08
CA ASP B 187 22.50 19.90 15.94
C ASP B 187 22.04 21.04 15.06
N GLU B 188 22.77 22.15 15.07
CA GLU B 188 22.27 23.30 14.35
C GLU B 188 22.35 23.13 12.83
N ASN B 189 23.10 22.14 12.32
CA ASN B 189 23.27 21.92 10.89
C ASN B 189 22.35 20.85 10.34
N ASN B 190 21.65 20.12 11.21
CA ASN B 190 20.60 19.20 10.78
C ASN B 190 19.68 19.85 9.75
N CYS B 191 19.17 19.03 8.84
CA CYS B 191 18.05 19.48 8.00
C CYS B 191 16.82 19.80 8.86
N ILE B 192 16.44 18.87 9.74
CA ILE B 192 15.19 19.00 10.48
C ILE B 192 15.20 20.21 11.42
N SER B 193 16.33 20.55 12.02
CA SER B 193 16.36 21.65 12.97
C SER B 193 16.36 23.00 12.27
N ASN B 194 16.57 23.03 10.96
CA ASN B 194 16.38 24.23 10.17
C ASN B 194 14.95 24.38 9.61
N LEU B 195 14.01 23.55 10.06
CA LEU B 195 12.59 23.74 9.75
C LEU B 195 12.03 24.65 10.85
N GLN B 196 11.99 25.96 10.59
CA GLN B 196 11.65 26.85 11.70
C GLN B 196 10.18 26.70 12.07
N VAL B 197 9.90 27.07 13.32
CA VAL B 197 8.55 27.12 13.85
C VAL B 197 7.71 28.08 13.01
N GLU B 198 6.43 27.78 12.89
CA GLU B 198 5.49 28.62 12.19
C GLU B 198 4.35 29.01 13.12
N ASP B 199 3.62 30.01 12.69
CA ASP B 199 2.42 30.44 13.38
C ASP B 199 1.26 30.35 12.39
N GLN B 200 0.29 29.48 12.70
CA GLN B 200 -0.91 29.30 11.89
C GLN B 200 -1.83 30.52 11.88
N GLY B 201 -1.61 31.50 12.76
CA GLY B 201 -2.52 32.60 12.74
C GLY B 201 -3.86 32.22 13.35
N ASN B 202 -4.84 33.06 13.05
CA ASN B 202 -6.18 32.94 13.62
C ASN B 202 -7.11 32.12 12.74
N CYS B 203 -6.61 30.98 12.25
CA CYS B 203 -7.42 29.98 11.55
C CYS B 203 -7.16 28.60 12.13
N ASP B 204 -8.18 27.75 11.99
CA ASP B 204 -8.19 26.36 12.44
C ASP B 204 -7.48 25.46 11.41
N THR B 205 -6.19 25.72 11.20
CA THR B 205 -5.41 25.07 10.15
C THR B 205 -4.27 24.19 10.69
N SER B 206 -4.32 23.78 11.95
CA SER B 206 -3.22 22.97 12.48
C SER B 206 -3.18 21.61 11.82
N TRP B 207 -4.30 21.15 11.22
CA TRP B 207 -4.23 19.92 10.43
C TRP B 207 -3.28 20.07 9.26
N ILE B 208 -3.16 21.29 8.73
CA ILE B 208 -2.23 21.53 7.63
C ILE B 208 -0.80 21.62 8.16
N PHE B 209 -0.61 22.41 9.21
CA PHE B 209 0.76 22.64 9.67
C PHE B 209 1.39 21.35 10.18
N ALA B 210 0.68 20.59 10.99
CA ALA B 210 1.30 19.36 11.48
C ALA B 210 1.52 18.32 10.37
N SER B 211 0.59 18.24 9.40
CA SER B 211 0.76 17.29 8.30
C SER B 211 1.96 17.66 7.47
N LYS B 212 2.06 18.94 7.09
CA LYS B 212 3.12 19.32 6.19
C LYS B 212 4.47 19.23 6.87
N TYR B 213 4.54 19.52 8.17
CA TYR B 213 5.80 19.35 8.90
C TYR B 213 6.25 17.91 8.86
N HIS B 214 5.32 16.98 9.10
CA HIS B 214 5.66 15.57 9.02
C HIS B 214 6.23 15.22 7.65
N LEU B 215 5.66 15.78 6.59
CA LEU B 215 6.21 15.46 5.26
C LEU B 215 7.51 16.21 5.02
N GLU B 216 7.64 17.40 5.60
CA GLU B 216 8.92 18.08 5.57
C GLU B 216 10.01 17.28 6.25
N THR B 217 9.72 16.64 7.41
CA THR B 217 10.80 15.86 8.02
C THR B 217 11.09 14.60 7.21
N ILE B 218 10.05 13.99 6.63
CA ILE B 218 10.26 12.84 5.74
C ILE B 218 11.22 13.23 4.63
N ARG B 219 10.96 14.36 3.98
CA ARG B 219 11.85 14.81 2.91
C ARG B 219 13.27 15.03 3.45
N CYS B 220 13.39 15.48 4.70
CA CYS B 220 14.72 15.64 5.29
C CYS B 220 15.40 14.29 5.46
N MET B 221 14.66 13.29 5.95
CA MET B 221 15.25 11.97 6.10
C MET B 221 15.64 11.35 4.76
N LYS B 222 15.09 11.84 3.63
CA LYS B 222 15.47 11.37 2.31
C LYS B 222 16.47 12.29 1.62
N GLY B 223 17.02 13.28 2.32
CA GLY B 223 18.15 14.04 1.81
C GLY B 223 17.81 15.32 1.08
N TYR B 224 16.54 15.72 1.06
CA TYR B 224 16.18 16.98 0.42
C TYR B 224 16.52 18.14 1.34
N GLU B 225 16.66 19.32 0.75
CA GLU B 225 16.86 20.52 1.54
CA GLU B 225 16.84 20.53 1.52
C GLU B 225 15.64 20.75 2.44
N PRO B 226 15.78 21.55 3.47
CA PRO B 226 14.63 21.83 4.35
C PRO B 226 13.74 22.95 3.79
N THR B 227 13.04 22.67 2.69
CA THR B 227 12.15 23.65 2.09
C THR B 227 10.76 23.54 2.71
N LYS B 228 10.20 24.65 3.15
CA LYS B 228 8.85 24.63 3.71
C LYS B 228 7.80 24.42 2.62
N ILE B 229 6.83 23.55 2.92
CA ILE B 229 5.64 23.42 2.11
C ILE B 229 4.73 24.63 2.34
N SER B 230 4.06 25.09 1.26
CA SER B 230 3.05 26.15 1.32
C SER B 230 1.77 25.63 1.99
N ALA B 231 1.60 25.94 3.28
CA ALA B 231 0.33 25.64 3.92
C ALA B 231 -0.84 26.35 3.24
N LEU B 232 -0.62 27.53 2.68
CA LEU B 232 -1.74 28.26 2.13
C LEU B 232 -2.31 27.53 0.93
N TYR B 233 -1.43 26.90 0.13
CA TYR B 233 -1.89 26.16 -1.03
C TYR B 233 -2.81 25.04 -0.61
N VAL B 234 -2.50 24.39 0.52
CA VAL B 234 -3.35 23.30 0.96
C VAL B 234 -4.65 23.85 1.53
N ALA B 235 -4.58 24.98 2.24
CA ALA B 235 -5.78 25.58 2.80
C ALA B 235 -6.79 25.95 1.70
N ASN B 236 -6.32 26.43 0.55
CA ASN B 236 -7.18 27.03 -0.46
C ASN B 236 -7.52 26.10 -1.63
N CYS B 237 -6.81 24.97 -1.77
CA CYS B 237 -6.96 24.07 -2.91
C CYS B 237 -7.58 22.77 -2.44
N TYR B 238 -8.84 22.57 -2.82
CA TYR B 238 -9.60 21.36 -2.46
C TYR B 238 -10.75 21.20 -3.44
N LYS B 239 -11.07 19.94 -3.73
CA LYS B 239 -11.99 19.63 -4.84
C LYS B 239 -13.48 19.71 -4.47
N GLY B 240 -13.81 19.62 -3.19
CA GLY B 240 -15.20 19.58 -2.76
C GLY B 240 -15.87 20.94 -2.83
N GLU B 241 -17.13 20.96 -2.42
CA GLU B 241 -17.85 22.21 -2.37
C GLU B 241 -17.21 23.16 -1.35
N HIS B 242 -17.46 24.45 -1.56
CA HIS B 242 -16.86 25.49 -0.73
C HIS B 242 -17.18 25.26 0.75
N LYS B 243 -16.17 25.50 1.59
CA LYS B 243 -16.21 25.45 3.05
C LYS B 243 -15.56 26.74 3.58
N ASP B 244 -15.76 27.05 4.86
CA ASP B 244 -14.96 28.06 5.55
C ASP B 244 -13.68 27.37 6.02
N ARG B 245 -12.60 27.55 5.26
CA ARG B 245 -11.30 26.97 5.57
C ARG B 245 -10.63 27.64 6.77
N CYS B 246 -11.05 28.83 7.16
CA CYS B 246 -10.45 29.44 8.33
C CYS B 246 -11.12 28.96 9.63
N ASP B 247 -12.42 28.73 9.63
N ASP B 247 -12.43 28.75 9.61
CA ASP B 247 -13.13 28.45 10.88
CA ASP B 247 -13.18 28.46 10.83
C ASP B 247 -13.44 26.97 11.09
C ASP B 247 -13.32 26.97 11.11
N GLU B 248 -13.24 26.13 10.09
CA GLU B 248 -13.49 24.70 10.25
C GLU B 248 -12.25 23.91 9.85
N GLY B 249 -11.73 23.15 10.80
CA GLY B 249 -10.57 22.29 10.59
C GLY B 249 -10.87 21.00 9.83
N SER B 250 -9.89 20.09 9.86
CA SER B 250 -9.97 18.85 9.11
C SER B 250 -8.96 17.89 9.73
N SER B 251 -8.31 17.06 8.91
CA SER B 251 -7.42 16.04 9.43
C SER B 251 -6.30 15.82 8.41
N PRO B 252 -5.26 15.07 8.81
CA PRO B 252 -4.25 14.66 7.82
C PRO B 252 -4.81 13.86 6.66
N MET B 253 -5.95 13.21 6.82
CA MET B 253 -6.54 12.45 5.71
C MET B 253 -6.83 13.39 4.56
N GLU B 254 -7.34 14.59 4.87
CA GLU B 254 -7.61 15.54 3.82
C GLU B 254 -6.32 16.08 3.19
N PHE B 255 -5.29 16.33 4.02
CA PHE B 255 -3.98 16.68 3.48
C PHE B 255 -3.55 15.65 2.43
N LEU B 256 -3.68 14.37 2.74
CA LEU B 256 -3.29 13.33 1.79
C LEU B 256 -4.20 13.37 0.55
N GLN B 257 -5.50 13.64 0.76
CA GLN B 257 -6.43 13.69 -0.36
C GLN B 257 -6.09 14.85 -1.30
N ILE B 258 -5.64 15.97 -0.74
CA ILE B 258 -5.31 17.14 -1.56
C ILE B 258 -4.04 16.87 -2.36
N ILE B 259 -3.06 16.18 -1.74
CA ILE B 259 -1.88 15.71 -2.49
C ILE B 259 -2.31 14.87 -3.68
N GLU B 260 -3.14 13.86 -3.45
CA GLU B 260 -3.59 13.00 -4.53
C GLU B 260 -4.25 13.85 -5.63
N ASP B 261 -5.17 14.75 -5.26
CA ASP B 261 -6.03 15.45 -6.22
C ASP B 261 -5.29 16.54 -6.99
N TYR B 262 -4.32 17.21 -6.37
CA TYR B 262 -3.67 18.33 -7.05
C TYR B 262 -2.27 17.99 -7.51
N GLY B 263 -1.63 16.97 -6.91
CA GLY B 263 -0.34 16.50 -7.34
C GLY B 263 0.80 17.48 -7.18
N PHE B 264 0.61 18.55 -6.41
CA PHE B 264 1.59 19.63 -6.37
C PHE B 264 1.60 20.24 -4.97
N LEU B 265 2.79 20.42 -4.43
CA LEU B 265 2.98 21.17 -3.19
C LEU B 265 3.99 22.28 -3.44
N PRO B 266 3.56 23.52 -3.59
CA PRO B 266 4.52 24.60 -3.75
C PRO B 266 5.38 24.79 -2.50
N ALA B 267 6.52 25.42 -2.70
CA ALA B 267 7.27 25.94 -1.58
C ALA B 267 6.55 27.14 -0.98
N GLU B 268 6.83 27.37 0.30
CA GLU B 268 6.24 28.51 1.02
C GLU B 268 6.51 29.83 0.28
N SER B 269 7.70 30.00 -0.27
CA SER B 269 8.04 31.24 -0.93
C SER B 269 7.30 31.42 -2.24
N ASN B 270 6.81 30.32 -2.85
CA ASN B 270 6.01 30.44 -4.07
C ASN B 270 4.63 31.00 -3.76
N TYR B 271 4.13 30.78 -2.52
CA TYR B 271 2.75 31.06 -2.11
C TYR B 271 2.74 31.08 -0.58
N PRO B 272 3.15 32.20 0.00
CA PRO B 272 3.39 32.25 1.44
C PRO B 272 2.11 32.48 2.24
N TYR B 273 2.17 32.03 3.49
CA TYR B 273 0.97 31.92 4.33
C TYR B 273 0.70 33.20 5.09
N ASN B 274 -0.57 33.55 5.14
CA ASN B 274 -1.11 34.48 6.12
C ASN B 274 -2.55 34.05 6.38
N TYR B 275 -2.94 34.06 7.67
CA TYR B 275 -4.28 33.61 8.06
C TYR B 275 -5.34 34.35 7.29
N VAL B 276 -5.11 35.63 6.96
CA VAL B 276 -6.17 36.39 6.30
C VAL B 276 -6.35 35.94 4.85
N LYS B 277 -5.39 35.25 4.26
CA LYS B 277 -5.55 34.77 2.90
C LYS B 277 -6.20 33.39 2.83
N VAL B 278 -6.46 32.77 3.99
CA VAL B 278 -7.08 31.45 4.00
C VAL B 278 -8.51 31.58 3.52
N GLY B 279 -8.82 30.85 2.45
CA GLY B 279 -10.12 30.91 1.84
C GLY B 279 -10.15 31.71 0.57
N GLU B 280 -9.04 32.33 0.19
CA GLU B 280 -8.94 32.87 -1.16
C GLU B 280 -8.82 31.71 -2.13
N GLN B 281 -8.85 32.07 -3.42
CA GLN B 281 -8.90 31.08 -4.47
C GLN B 281 -7.63 30.27 -4.49
N CYS B 282 -7.77 28.99 -4.80
CA CYS B 282 -6.65 28.14 -5.13
C CYS B 282 -5.86 28.74 -6.29
N PRO B 283 -4.56 28.98 -6.17
CA PRO B 283 -3.81 29.62 -7.26
C PRO B 283 -3.35 28.65 -8.34
N LYS B 284 -3.40 29.15 -9.57
CA LYS B 284 -2.81 28.41 -10.68
C LYS B 284 -1.33 28.21 -10.38
N VAL B 285 -0.85 26.98 -10.61
CA VAL B 285 0.57 26.71 -10.45
C VAL B 285 1.35 27.49 -11.50
N GLU B 286 2.35 28.24 -11.06
CA GLU B 286 3.20 29.00 -11.96
C GLU B 286 4.48 28.22 -12.27
N ASP B 287 5.07 28.51 -13.44
CA ASP B 287 6.09 27.62 -14.00
C ASP B 287 7.39 27.65 -13.22
N HIS B 288 7.69 28.74 -12.54
CA HIS B 288 8.90 28.80 -11.73
C HIS B 288 8.71 28.19 -10.32
N TRP B 289 7.63 27.45 -10.05
CA TRP B 289 7.39 26.96 -8.70
C TRP B 289 8.01 25.59 -8.50
N MET B 290 8.48 25.33 -7.28
CA MET B 290 8.94 23.98 -6.90
C MET B 290 7.77 23.10 -6.57
N ASN B 291 7.90 21.83 -6.88
CA ASN B 291 6.90 20.83 -6.50
C ASN B 291 7.55 19.93 -5.47
N LEU B 292 7.29 20.20 -4.20
CA LEU B 292 7.86 19.39 -3.13
C LEU B 292 7.22 18.03 -3.03
N TRP B 293 6.29 17.70 -3.93
CA TRP B 293 5.70 16.38 -4.05
C TRP B 293 6.14 15.66 -5.33
N ASP B 294 7.01 16.28 -6.12
CA ASP B 294 7.61 15.69 -7.30
C ASP B 294 7.98 14.23 -7.07
N ASN B 295 7.45 13.34 -7.91
CA ASN B 295 7.78 11.92 -7.86
C ASN B 295 7.29 11.23 -6.60
N GLY B 296 6.36 11.82 -5.86
CA GLY B 296 5.85 11.16 -4.67
C GLY B 296 4.70 10.25 -4.97
N LYS B 297 4.56 9.20 -4.17
CA LYS B 297 3.44 8.27 -4.30
C LYS B 297 2.78 8.07 -2.95
N ILE B 298 1.46 7.98 -2.96
CA ILE B 298 0.67 7.64 -1.78
C ILE B 298 0.50 6.13 -1.73
N LEU B 299 0.96 5.53 -0.63
CA LEU B 299 0.89 4.09 -0.45
C LEU B 299 -0.36 3.71 0.32
N HIS B 300 -0.66 2.42 0.34
CA HIS B 300 -1.84 1.92 1.03
C HIS B 300 -1.58 0.50 1.50
N ASN B 301 -1.61 0.27 2.82
CA ASN B 301 -1.33 -1.02 3.41
C ASN B 301 -2.62 -1.69 3.89
N LYS B 302 -2.56 -3.02 4.03
CA LYS B 302 -3.68 -3.81 4.54
C LYS B 302 -4.07 -3.33 5.94
N ASN B 303 -5.38 -3.23 6.19
CA ASN B 303 -5.86 -3.05 7.56
C ASN B 303 -5.18 -4.05 8.49
N GLU B 304 -4.63 -3.54 9.57
CA GLU B 304 -4.04 -4.37 10.61
C GLU B 304 -4.82 -4.18 11.91
N PRO B 305 -4.71 -5.12 12.83
CA PRO B 305 -5.77 -5.26 13.85
C PRO B 305 -5.74 -4.20 14.95
N ASN B 306 -4.56 -3.67 15.28
CA ASN B 306 -4.47 -2.66 16.32
C ASN B 306 -4.19 -1.26 15.79
N SER B 307 -4.32 -1.04 14.49
CA SER B 307 -4.10 0.27 13.90
C SER B 307 -5.31 0.67 13.07
N LEU B 308 -5.29 1.93 12.66
CA LEU B 308 -6.19 2.47 11.67
C LEU B 308 -5.36 2.69 10.42
N ASP B 309 -5.81 2.12 9.31
CA ASP B 309 -5.06 2.21 8.07
C ASP B 309 -5.97 2.73 6.96
N GLY B 310 -5.43 3.63 6.16
CA GLY B 310 -6.11 4.15 4.99
C GLY B 310 -5.07 4.49 3.95
N LYS B 311 -5.57 5.00 2.83
CA LYS B 311 -4.70 5.57 1.80
C LYS B 311 -3.70 6.54 2.41
N GLY B 312 -2.41 6.21 2.39
CA GLY B 312 -1.38 7.15 2.73
C GLY B 312 -1.10 7.34 4.22
N TYR B 313 -1.72 6.57 5.11
CA TYR B 313 -1.44 6.82 6.53
C TYR B 313 -1.64 5.57 7.37
N THR B 314 -0.99 5.58 8.53
CA THR B 314 -1.25 4.65 9.62
C THR B 314 -1.44 5.47 10.89
N ALA B 315 -2.38 5.06 11.74
CA ALA B 315 -2.70 5.82 12.92
C ALA B 315 -2.87 4.91 14.13
N TYR B 316 -2.43 5.38 15.28
CA TYR B 316 -2.55 4.61 16.52
C TYR B 316 -3.18 5.48 17.61
N GLU B 317 -4.18 4.92 18.27
CA GLU B 317 -4.87 5.58 19.38
C GLU B 317 -4.29 5.07 20.70
N SER B 318 -3.95 6.01 21.60
CA SER B 318 -3.38 5.64 22.90
C SER B 318 -4.37 4.83 23.75
N GLU B 319 -5.65 5.15 23.69
CA GLU B 319 -6.65 4.39 24.45
C GLU B 319 -6.57 2.90 24.10
N ARG B 320 -6.30 2.58 22.84
CA ARG B 320 -6.14 1.21 22.44
C ARG B 320 -4.88 0.54 23.00
N PHE B 321 -3.93 1.32 23.51
CA PHE B 321 -2.70 0.81 24.13
C PHE B 321 -2.65 1.09 25.63
N HIS B 322 -3.82 1.29 26.25
CA HIS B 322 -3.89 1.61 27.66
C HIS B 322 -3.16 0.58 28.51
N ASP B 323 -3.20 -0.68 28.10
CA ASP B 323 -2.56 -1.77 28.84
C ASP B 323 -1.24 -2.18 28.24
N ASN B 324 -0.68 -1.39 27.33
CA ASN B 324 0.56 -1.77 26.69
C ASN B 324 1.20 -0.51 26.16
N MET B 325 1.37 0.47 27.04
CA MET B 325 1.89 1.77 26.63
C MET B 325 3.35 1.69 26.23
N ASP B 326 4.09 0.69 26.74
CA ASP B 326 5.46 0.48 26.28
C ASP B 326 5.49 0.28 24.76
N ALA B 327 4.58 -0.53 24.22
CA ALA B 327 4.52 -0.73 22.78
C ALA B 327 4.11 0.54 22.02
N PHE B 328 3.16 1.32 22.55
CA PHE B 328 2.78 2.61 21.96
C PHE B 328 3.99 3.53 21.86
N VAL B 329 4.76 3.62 22.95
CA VAL B 329 5.95 4.46 22.94
C VAL B 329 6.96 3.98 21.91
N LYS B 330 7.17 2.66 21.83
CA LYS B 330 8.16 2.14 20.89
C LYS B 330 7.77 2.43 19.46
N ILE B 331 6.48 2.26 19.12
CA ILE B 331 6.03 2.66 17.78
C ILE B 331 6.41 4.10 17.49
N ILE B 332 6.12 5.00 18.42
CA ILE B 332 6.36 6.41 18.16
C ILE B 332 7.85 6.68 17.97
N LYS B 333 8.67 6.15 18.89
CA LYS B 333 10.11 6.35 18.79
C LYS B 333 10.66 5.81 17.46
N THR B 334 10.15 4.66 17.01
CA THR B 334 10.63 4.11 15.74
C THR B 334 10.32 5.04 14.58
N GLU B 335 9.14 5.65 14.59
CA GLU B 335 8.74 6.51 13.49
C GLU B 335 9.41 7.87 13.55
N VAL B 336 9.64 8.41 14.74
CA VAL B 336 10.41 9.64 14.87
C VAL B 336 11.82 9.42 14.36
N MET B 337 12.40 8.26 14.67
CA MET B 337 13.73 7.94 14.16
C MET B 337 13.73 7.80 12.64
N ASN B 338 12.77 7.04 12.10
CA ASN B 338 12.77 6.78 10.65
C ASN B 338 12.27 7.97 9.85
N LYS B 339 11.18 8.61 10.29
CA LYS B 339 10.54 9.63 9.48
C LYS B 339 10.80 11.05 9.94
N GLY B 340 11.42 11.22 11.10
CA GLY B 340 11.77 12.53 11.61
C GLY B 340 10.72 13.12 12.54
N SER B 341 9.51 12.56 12.53
CA SER B 341 8.40 13.10 13.29
C SER B 341 7.24 12.13 13.19
N VAL B 342 6.28 12.29 14.09
CA VAL B 342 4.91 11.84 13.85
C VAL B 342 3.97 13.01 14.09
N ILE B 343 2.78 12.87 13.54
CA ILE B 343 1.67 13.75 13.84
C ILE B 343 1.01 13.22 15.09
N ALA B 344 0.67 14.12 16.00
CA ALA B 344 -0.04 13.79 17.22
C ALA B 344 -1.32 14.60 17.34
N TYR B 345 -2.38 13.95 17.83
CA TYR B 345 -3.66 14.59 18.13
C TYR B 345 -3.74 14.85 19.64
N ILE B 346 -4.10 16.08 20.03
CA ILE B 346 -4.25 16.44 21.44
C ILE B 346 -5.46 17.34 21.68
N LYS B 347 -5.82 17.52 22.94
CA LYS B 347 -6.84 18.46 23.35
C LYS B 347 -6.12 19.71 23.84
N ALA B 348 -6.24 20.78 23.06
CA ALA B 348 -5.57 22.03 23.44
C ALA B 348 -6.43 22.87 24.39
N GLU B 349 -7.73 22.85 24.21
CA GLU B 349 -8.68 23.70 24.94
C GLU B 349 -8.72 23.28 26.42
N MET B 352 -3.84 24.44 27.70
CA MET B 352 -2.62 25.19 27.42
C MET B 352 -2.88 26.53 26.69
N GLY B 353 -2.07 27.54 27.06
CA GLY B 353 -2.28 28.92 26.64
C GLY B 353 -1.03 29.75 26.54
N TYR B 354 -1.18 31.08 26.49
CA TYR B 354 -0.07 31.96 26.12
C TYR B 354 1.06 31.93 27.15
N GLU B 355 0.75 31.62 28.40
CA GLU B 355 1.75 31.60 29.47
C GLU B 355 2.37 30.22 29.65
N PHE B 356 1.91 29.25 28.86
CA PHE B 356 2.30 27.85 29.00
C PHE B 356 3.80 27.68 28.98
N SER B 357 4.29 26.85 29.90
CA SER B 357 5.73 26.71 30.10
C SER B 357 6.27 25.66 29.15
N GLY B 358 7.31 26.03 28.42
CA GLY B 358 7.89 25.10 27.48
C GLY B 358 9.06 24.31 28.04
N LYS B 359 9.70 24.83 29.08
CA LYS B 359 10.94 24.23 29.56
C LYS B 359 10.72 23.18 30.65
N LYS B 360 9.59 23.19 31.35
CA LYS B 360 9.31 22.15 32.33
C LYS B 360 8.62 20.98 31.65
N VAL B 361 8.97 19.77 32.07
CA VAL B 361 8.21 18.62 31.61
C VAL B 361 6.80 18.74 32.16
N GLN B 362 5.82 18.81 31.25
CA GLN B 362 4.43 18.89 31.63
C GLN B 362 3.91 17.51 31.96
N ASN B 363 3.10 17.41 33.01
CA ASN B 363 2.53 16.15 33.45
C ASN B 363 1.03 16.25 33.22
N LEU B 364 0.58 15.86 32.02
CA LEU B 364 -0.78 16.13 31.57
C LEU B 364 -1.58 14.85 31.31
N CYS B 365 -2.88 14.96 31.55
CA CYS B 365 -3.87 13.98 31.13
C CYS B 365 -4.57 14.45 29.86
N GLY B 366 -5.05 13.48 29.09
CA GLY B 366 -6.02 13.75 28.05
C GLY B 366 -7.41 13.53 28.60
N ASP B 367 -8.39 13.73 27.71
CA ASP B 367 -9.79 13.53 28.08
C ASP B 367 -10.53 12.69 27.06
N ASP B 368 -9.79 11.91 26.26
CA ASP B 368 -10.31 11.04 25.22
C ASP B 368 -10.89 11.80 24.04
N THR B 369 -10.59 13.09 23.90
CA THR B 369 -10.98 13.86 22.73
C THR B 369 -9.72 14.58 22.21
N ALA B 370 -9.83 15.17 21.01
CA ALA B 370 -8.75 15.97 20.46
C ALA B 370 -9.32 17.01 19.50
N ASP B 371 -8.68 18.16 19.46
CA ASP B 371 -9.11 19.25 18.60
C ASP B 371 -7.95 19.96 17.94
N HIS B 372 -6.72 19.48 18.13
CA HIS B 372 -5.52 20.15 17.66
C HIS B 372 -4.47 19.12 17.23
N ALA B 373 -3.82 19.38 16.11
CA ALA B 373 -2.75 18.51 15.61
C ALA B 373 -1.41 19.19 15.87
N VAL B 374 -0.49 18.43 16.48
CA VAL B 374 0.88 18.88 16.70
C VAL B 374 1.82 17.78 16.20
N ASN B 375 3.12 17.92 16.43
CA ASN B 375 4.09 16.90 16.02
C ASN B 375 4.96 16.48 17.20
N ILE B 376 5.12 15.17 17.39
CA ILE B 376 6.20 14.64 18.24
C ILE B 376 7.47 14.60 17.41
N VAL B 377 8.51 15.29 17.88
CA VAL B 377 9.75 15.44 17.12
C VAL B 377 10.95 14.88 17.84
N GLY B 378 10.79 14.41 19.08
CA GLY B 378 11.91 13.92 19.86
C GLY B 378 11.43 13.40 21.19
N TYR B 379 12.40 13.06 22.04
CA TYR B 379 12.09 12.50 23.36
C TYR B 379 13.36 12.44 24.19
N GLY B 380 13.17 12.31 25.49
CA GLY B 380 14.30 12.27 26.41
C GLY B 380 13.88 11.67 27.73
N ASN B 381 14.89 11.39 28.55
CA ASN B 381 14.67 10.92 29.92
C ASN B 381 15.12 12.01 30.88
N TYR B 382 14.51 12.02 32.06
CA TYR B 382 14.88 12.96 33.11
C TYR B 382 14.72 12.27 34.45
N VAL B 383 15.28 12.88 35.48
CA VAL B 383 15.05 12.47 36.86
C VAL B 383 14.40 13.66 37.55
N ASN B 384 13.14 13.50 37.95
CA ASN B 384 12.37 14.62 38.47
C ASN B 384 12.91 15.05 39.83
N SER B 385 12.28 16.07 40.41
CA SER B 385 12.69 16.56 41.72
C SER B 385 12.67 15.43 42.76
N GLU B 386 11.66 14.56 42.69
CA GLU B 386 11.43 13.48 43.65
C GLU B 386 12.21 12.21 43.33
N GLY B 387 13.28 12.31 42.52
CA GLY B 387 14.24 11.23 42.32
C GLY B 387 13.88 10.15 41.31
N GLU B 388 12.65 10.12 40.77
CA GLU B 388 12.22 9.04 39.89
C GLU B 388 12.57 9.31 38.42
N LYS B 389 12.93 8.24 37.70
CA LYS B 389 13.26 8.36 36.29
C LYS B 389 11.99 8.33 35.45
N LYS B 390 11.82 9.33 34.62
CA LYS B 390 10.64 9.42 33.77
C LYS B 390 11.09 9.85 32.37
N SER B 391 10.19 9.78 31.39
CA SER B 391 10.55 10.17 30.04
C SER B 391 9.51 11.10 29.44
N TYR B 392 9.94 11.92 28.48
CA TYR B 392 9.11 12.96 27.88
C TYR B 392 9.19 12.95 26.35
N TRP B 393 8.07 13.29 25.71
CA TRP B 393 8.09 13.65 24.30
C TRP B 393 8.52 15.09 24.14
N ILE B 394 9.28 15.37 23.09
CA ILE B 394 9.46 16.74 22.61
C ILE B 394 8.41 16.96 21.53
N VAL B 395 7.70 18.08 21.61
CA VAL B 395 6.48 18.33 20.85
C VAL B 395 6.58 19.71 20.23
N ARG B 396 6.37 19.78 18.93
CA ARG B 396 6.32 21.01 18.18
C ARG B 396 4.89 21.47 18.00
N ASN B 397 4.67 22.77 18.13
CA ASN B 397 3.37 23.42 17.96
C ASN B 397 3.52 24.44 16.84
N SER B 398 2.40 24.97 16.37
CA SER B 398 2.36 25.93 15.28
C SER B 398 1.71 27.20 15.76
N TRP B 399 2.05 27.59 17.00
CA TRP B 399 1.61 28.86 17.58
C TRP B 399 2.73 29.90 17.65
N GLY B 400 3.71 29.78 16.77
CA GLY B 400 4.75 30.77 16.65
C GLY B 400 5.85 30.51 17.68
N PRO B 401 6.97 31.22 17.54
CA PRO B 401 8.13 30.97 18.41
C PRO B 401 8.08 31.70 19.75
N TYR B 402 7.04 32.47 20.03
CA TYR B 402 6.87 33.15 21.30
C TYR B 402 6.08 32.34 22.28
N TRP B 403 5.76 31.10 21.96
CA TRP B 403 4.97 30.25 22.82
C TRP B 403 5.82 29.08 23.24
N GLY B 404 5.59 28.60 24.46
CA GLY B 404 6.43 27.60 25.08
C GLY B 404 7.91 27.90 24.93
N ASP B 405 8.66 26.87 24.65
CA ASP B 405 10.10 27.00 24.54
C ASP B 405 10.42 27.15 23.06
N GLU B 406 10.26 28.37 22.56
CA GLU B 406 10.52 28.68 21.17
C GLU B 406 9.62 27.88 20.24
N GLY B 407 8.37 27.62 20.68
CA GLY B 407 7.40 26.91 19.89
C GLY B 407 7.29 25.43 20.19
N TYR B 408 8.15 24.92 21.08
CA TYR B 408 8.16 23.52 21.50
C TYR B 408 7.78 23.41 22.98
N PHE B 409 7.44 22.20 23.40
CA PHE B 409 7.24 21.91 24.80
C PHE B 409 7.51 20.44 24.99
N LYS B 410 7.55 20.02 26.27
CA LYS B 410 7.87 18.66 26.67
C LYS B 410 6.73 18.12 27.52
N VAL B 411 6.33 16.89 27.27
CA VAL B 411 5.23 16.30 28.03
C VAL B 411 5.62 14.87 28.42
N ASP B 412 5.29 14.49 29.66
CA ASP B 412 5.61 13.16 30.12
C ASP B 412 4.86 12.14 29.26
N MET B 413 5.59 11.14 28.75
CA MET B 413 4.99 10.12 27.87
C MET B 413 3.81 9.42 28.52
N TYR B 414 3.91 9.15 29.82
CA TYR B 414 2.94 8.26 30.47
C TYR B 414 1.91 9.03 31.26
N GLY B 415 2.27 10.20 31.77
CA GLY B 415 1.35 11.05 32.48
C GLY B 415 1.19 10.63 33.92
N PRO B 416 0.52 11.46 34.72
CA PRO B 416 0.28 11.11 36.12
C PRO B 416 -0.60 9.87 36.26
N THR B 417 -0.58 9.34 37.49
CA THR B 417 -1.21 8.05 37.79
C THR B 417 -2.73 8.12 37.71
N HIS B 418 -3.31 9.22 38.18
CA HIS B 418 -4.76 9.34 38.15
C HIS B 418 -5.35 9.52 36.74
N CYS B 419 -4.52 9.69 35.70
CA CYS B 419 -5.06 9.93 34.35
C CYS B 419 -5.82 8.70 33.85
N HIS B 420 -7.03 8.91 33.37
CA HIS B 420 -7.73 7.85 32.67
C HIS B 420 -7.30 7.73 31.22
N PHE B 421 -6.79 8.81 30.62
CA PHE B 421 -6.52 8.92 29.19
C PHE B 421 -5.23 9.69 28.99
N ASN B 422 -4.43 9.26 28.04
CA ASN B 422 -3.16 9.90 27.77
C ASN B 422 -3.33 11.24 27.05
N PHE B 423 -2.42 12.17 27.34
CA PHE B 423 -2.42 13.46 26.67
C PHE B 423 -2.30 13.32 25.16
N ILE B 424 -1.55 12.32 24.69
CA ILE B 424 -1.45 12.01 23.27
C ILE B 424 -2.63 11.12 22.93
N HIS B 425 -3.61 11.70 22.23
CA HIS B 425 -4.82 10.97 21.88
C HIS B 425 -4.51 9.92 20.83
N SER B 426 -3.76 10.30 19.81
CA SER B 426 -3.47 9.48 18.65
C SER B 426 -2.17 9.99 18.05
N VAL B 427 -1.50 9.12 17.30
CA VAL B 427 -0.45 9.55 16.39
C VAL B 427 -0.77 9.06 14.98
N VAL B 428 -0.34 9.83 14.00
CA VAL B 428 -0.57 9.52 12.60
C VAL B 428 0.77 9.55 11.89
N ILE B 429 1.04 8.53 11.07
CA ILE B 429 2.27 8.43 10.29
C ILE B 429 1.89 8.33 8.82
N PHE B 430 2.51 9.17 8.00
CA PHE B 430 2.21 9.14 6.58
C PHE B 430 2.92 7.95 5.94
N ASN B 431 2.26 7.35 4.97
CA ASN B 431 2.72 6.18 4.26
C ASN B 431 2.82 6.58 2.81
N VAL B 432 3.96 7.14 2.45
CA VAL B 432 4.19 7.72 1.14
C VAL B 432 5.55 7.24 0.67
N ASP B 433 5.76 7.33 -0.65
CA ASP B 433 7.09 7.10 -1.21
C ASP B 433 7.56 8.35 -1.92
N LEU B 434 8.83 8.67 -1.74
CA LEU B 434 9.58 9.67 -2.46
C LEU B 434 10.96 9.07 -2.70
N PRO B 435 11.58 9.37 -3.83
CA PRO B 435 12.95 8.91 -4.06
C PRO B 435 13.97 9.66 -3.21
N MET B 436 15.06 8.95 -2.86
CA MET B 436 16.14 9.63 -2.14
C MET B 436 16.68 10.73 -3.02
N ASN B 437 17.21 11.77 -2.39
CA ASN B 437 17.89 12.84 -3.08
C ASN B 437 19.35 12.42 -3.24
N ASN B 438 19.73 12.04 -4.46
CA ASN B 438 21.06 11.49 -4.72
C ASN B 438 21.85 12.40 -5.67
#